data_3QC2
#
_entry.id   3QC2
#
_cell.length_a   137.070
_cell.length_b   137.070
_cell.length_c   81.042
_cell.angle_alpha   90.000
_cell.angle_beta   90.000
_cell.angle_gamma   120.000
#
_symmetry.space_group_name_H-M   'P 65'
#
loop_
_entity.id
_entity.type
_entity.pdbx_description
1 polymer 'glycosyl hydrolase'
2 non-polymer 'TRIETHYLENE GLYCOL'
3 non-polymer DI(HYDROXYETHYL)ETHER
4 water water
#
_entity_poly.entity_id   1
_entity_poly.type   'polypeptide(L)'
_entity_poly.pdbx_seq_one_letter_code
;GQSSNHKENKLPDWAFGGFERPKNVNPVISPIENTKFYCPLTKDSIAWESNDTFNPAATLYNGEIVVLYRAEDKSGVGIG
HRTSRLGYATSTDGTHFQREKTPVFYPDNDSQKELEWPGGCEDPRIAVTDDGLYV(MSE)(MSE)YTQWNRHVPRLAVAT
SRNLKDWTKHGPAFAKAFDGKFFNLGCKSGSILTEVVKGKQVIKKVNGKYF(MSE)YWGEEHVFAATSDDLIHWTPIVNI
DGSLKKLFSPRDGYFDSHLTECGPPAIYTPKGIVLLYNGKNHSGRGDKRYTANVYAAGQALFDANDPTRFITRLDEPFFR
P(MSE)DSFEKSGQYVDGTVFIEG(MSE)VYFKNKWYLYYGCADSKVGVAVYDPKRPAKADPLP
;
_entity_poly.pdbx_strand_id   A,B
#
loop_
_chem_comp.id
_chem_comp.type
_chem_comp.name
_chem_comp.formula
PEG non-polymer DI(HYDROXYETHYL)ETHER 'C4 H10 O3'
PGE non-polymer 'TRIETHYLENE GLYCOL' 'C6 H14 O4'
#
# COMPACT_ATOMS: atom_id res chain seq x y z
N ASN A 5 -24.90 -11.97 11.67
CA ASN A 5 -24.83 -13.04 10.62
C ASN A 5 -23.55 -12.90 9.83
N HIS A 6 -23.45 -11.81 9.08
CA HIS A 6 -22.25 -11.50 8.30
C HIS A 6 -21.56 -10.23 8.87
N LYS A 7 -22.04 -9.76 10.03
CA LYS A 7 -21.54 -8.54 10.68
C LYS A 7 -20.46 -8.78 11.78
N GLU A 8 -20.00 -10.02 11.94
CA GLU A 8 -18.98 -10.33 12.95
C GLU A 8 -17.63 -9.78 12.46
N ASN A 9 -16.99 -8.94 13.29
CA ASN A 9 -15.72 -8.30 12.95
C ASN A 9 -14.57 -8.99 13.70
N LYS A 10 -14.17 -10.16 13.19
CA LYS A 10 -13.10 -10.95 13.81
C LYS A 10 -11.76 -10.27 13.68
N LEU A 11 -11.02 -10.23 14.77
CA LEU A 11 -9.70 -9.63 14.78
C LEU A 11 -8.64 -10.70 14.69
N PRO A 12 -7.52 -10.41 14.00
CA PRO A 12 -6.42 -11.34 13.96
C PRO A 12 -5.76 -11.38 15.37
N ASP A 13 -5.03 -12.47 15.66
CA ASP A 13 -4.43 -12.65 17.02
C ASP A 13 -3.36 -11.61 17.43
N TRP A 14 -2.89 -10.80 16.49
CA TRP A 14 -1.89 -9.73 16.82
C TRP A 14 -2.51 -8.38 17.25
N ALA A 15 -3.76 -8.15 16.86
CA ALA A 15 -4.45 -6.88 17.13
C ALA A 15 -5.01 -6.76 18.56
N PHE A 16 -5.16 -5.52 19.02
CA PHE A 16 -5.76 -5.22 20.32
C PHE A 16 -7.26 -5.12 20.11
N GLY A 17 -8.05 -5.65 21.03
CA GLY A 17 -9.50 -5.56 20.94
C GLY A 17 -10.23 -6.82 21.34
N GLY A 18 -11.55 -6.73 21.54
CA GLY A 18 -12.30 -5.47 21.36
C GLY A 18 -12.27 -4.52 22.55
N PHE A 19 -12.49 -3.24 22.27
CA PHE A 19 -12.56 -2.20 23.28
C PHE A 19 -14.03 -1.93 23.55
N GLU A 20 -14.48 -2.35 24.73
CA GLU A 20 -15.88 -2.21 25.08
C GLU A 20 -16.13 -0.94 25.86
N ARG A 21 -17.17 -0.21 25.47
CA ARG A 21 -17.56 1.03 26.12
C ARG A 21 -18.33 0.68 27.41
N PRO A 22 -17.81 1.08 28.60
CA PRO A 22 -18.53 0.75 29.84
C PRO A 22 -19.87 1.49 29.93
N LYS A 23 -20.89 0.82 30.48
CA LYS A 23 -22.23 1.42 30.63
C LYS A 23 -22.25 2.69 31.49
N ASN A 24 -23.01 3.69 31.03
CA ASN A 24 -23.24 4.98 31.76
C ASN A 24 -22.01 5.81 32.16
N VAL A 25 -20.91 5.64 31.45
CA VAL A 25 -19.67 6.35 31.74
C VAL A 25 -19.40 7.46 30.69
N ASN A 26 -19.74 7.18 29.43
CA ASN A 26 -19.46 8.12 28.35
C ASN A 26 -20.55 9.14 28.08
N PRO A 27 -20.15 10.37 27.68
CA PRO A 27 -18.75 10.84 27.47
C PRO A 27 -18.07 11.13 28.81
N VAL A 28 -16.77 10.85 28.92
CA VAL A 28 -16.03 11.08 30.18
C VAL A 28 -15.67 12.55 30.42
N ILE A 29 -15.50 13.31 29.34
CA ILE A 29 -15.16 14.73 29.41
C ILE A 29 -15.94 15.49 28.35
N SER A 30 -16.74 16.47 28.79
CA SER A 30 -17.53 17.30 27.91
C SER A 30 -17.23 18.77 28.16
N PRO A 31 -17.63 19.65 27.20
CA PRO A 31 -17.39 21.09 27.38
C PRO A 31 -18.09 21.68 28.63
N ILE A 32 -17.42 22.65 29.28
CA ILE A 32 -17.91 23.35 30.45
C ILE A 32 -17.98 24.84 30.13
N GLU A 33 -19.14 25.44 30.39
CA GLU A 33 -19.39 26.84 30.09
C GLU A 33 -18.72 27.83 31.10
N ASN A 34 -18.90 27.54 32.39
CA ASN A 34 -18.44 28.42 33.53
C ASN A 34 -16.93 28.59 33.83
N THR A 35 -16.11 27.63 33.44
CA THR A 35 -14.65 27.70 33.77
C THR A 35 -13.91 28.78 32.95
N LYS A 36 -13.26 29.70 33.63
CA LYS A 36 -12.53 30.80 32.99
C LYS A 36 -11.01 30.70 33.17
N PHE A 37 -10.29 31.26 32.22
CA PHE A 37 -8.82 31.28 32.21
C PHE A 37 -8.32 32.62 31.67
N TYR A 38 -7.32 33.21 32.35
CA TYR A 38 -6.73 34.47 31.87
C TYR A 38 -5.66 34.15 30.82
N CYS A 39 -6.00 34.38 29.56
CA CYS A 39 -5.09 34.13 28.45
C CYS A 39 -4.08 35.29 28.37
N PRO A 40 -2.78 34.99 28.54
CA PRO A 40 -1.74 36.03 28.52
C PRO A 40 -1.58 36.74 27.16
N LEU A 41 -1.99 36.08 26.07
CA LEU A 41 -1.90 36.67 24.73
C LEU A 41 -3.15 37.49 24.41
N THR A 42 -4.33 37.00 24.82
CA THR A 42 -5.59 37.75 24.61
C THR A 42 -5.69 38.92 25.61
N LYS A 43 -5.00 38.81 26.75
CA LYS A 43 -5.04 39.82 27.84
C LYS A 43 -6.45 39.92 28.46
N ASP A 44 -7.15 38.80 28.53
CA ASP A 44 -8.52 38.79 29.10
C ASP A 44 -8.95 37.37 29.47
N SER A 45 -9.94 37.25 30.35
CA SER A 45 -10.45 35.94 30.75
C SER A 45 -11.32 35.36 29.65
N ILE A 46 -11.19 34.04 29.43
CA ILE A 46 -11.98 33.35 28.41
C ILE A 46 -12.45 31.96 28.87
N ALA A 47 -13.62 31.56 28.36
CA ALA A 47 -14.18 30.24 28.63
C ALA A 47 -13.47 29.24 27.72
N TRP A 48 -12.24 28.95 28.09
CA TRP A 48 -11.32 28.10 27.32
C TRP A 48 -11.78 26.65 26.93
N GLU A 49 -12.81 26.12 27.57
CA GLU A 49 -13.29 24.76 27.28
C GLU A 49 -14.82 24.71 27.15
N SER A 50 -15.41 25.79 26.66
CA SER A 50 -16.87 25.91 26.55
C SER A 50 -17.49 25.32 25.30
N ASN A 51 -16.70 25.13 24.24
CA ASN A 51 -17.23 24.63 22.98
C ASN A 51 -16.94 23.16 22.73
N ASP A 52 -15.68 22.75 22.93
CA ASP A 52 -15.24 21.39 22.62
C ASP A 52 -14.14 20.88 23.55
N THR A 53 -14.24 19.61 23.96
CA THR A 53 -13.19 18.93 24.76
C THR A 53 -13.00 17.57 24.11
N PHE A 54 -11.90 17.38 23.39
CA PHE A 54 -11.72 16.15 22.63
C PHE A 54 -10.23 15.79 22.41
N ASN A 55 -9.96 15.00 21.34
CA ASN A 55 -8.58 14.56 20.96
C ASN A 55 -7.59 14.55 22.11
N PRO A 56 -7.69 13.56 22.99
CA PRO A 56 -6.88 13.51 24.20
C PRO A 56 -5.63 12.63 24.18
N ALA A 57 -4.67 12.98 25.03
CA ALA A 57 -3.51 12.18 25.26
C ALA A 57 -3.79 11.48 26.58
N ALA A 58 -3.12 10.37 26.84
CA ALA A 58 -3.35 9.64 28.08
C ALA A 58 -2.08 8.94 28.50
N THR A 59 -1.85 8.89 29.80
CA THR A 59 -0.67 8.26 30.32
C THR A 59 -0.86 7.85 31.77
N LEU A 60 0.17 7.21 32.33
CA LEU A 60 0.16 6.77 33.71
C LEU A 60 1.06 7.68 34.54
N TYR A 61 0.56 8.10 35.71
CA TYR A 61 1.31 8.96 36.64
C TYR A 61 0.82 8.75 38.07
N ASN A 62 1.74 8.37 38.98
CA ASN A 62 1.40 8.15 40.40
C ASN A 62 0.25 7.18 40.64
N GLY A 63 0.27 6.05 39.94
CA GLY A 63 -0.80 5.04 40.08
C GLY A 63 -2.18 5.51 39.59
N GLU A 64 -2.21 6.55 38.77
CA GLU A 64 -3.47 7.11 38.23
C GLU A 64 -3.34 7.39 36.76
N ILE A 65 -4.48 7.37 36.07
CA ILE A 65 -4.52 7.70 34.66
C ILE A 65 -4.72 9.20 34.51
N VAL A 66 -3.78 9.87 33.81
CA VAL A 66 -3.88 11.31 33.55
C VAL A 66 -4.20 11.53 32.08
N VAL A 67 -5.16 12.40 31.81
CA VAL A 67 -5.53 12.75 30.47
C VAL A 67 -5.35 14.24 30.24
N LEU A 68 -4.73 14.58 29.10
CA LEU A 68 -4.65 15.96 28.66
C LEU A 68 -5.55 16.04 27.45
N TYR A 69 -6.59 16.87 27.55
CA TYR A 69 -7.58 16.98 26.48
C TYR A 69 -7.50 18.32 25.75
N ARG A 70 -7.70 18.25 24.43
CA ARG A 70 -7.75 19.44 23.60
C ARG A 70 -9.06 20.16 23.90
N ALA A 71 -8.95 21.42 24.33
CA ALA A 71 -10.13 22.22 24.66
C ALA A 71 -10.16 23.48 23.81
N GLU A 72 -11.36 23.88 23.37
CA GLU A 72 -11.54 25.08 22.55
C GLU A 72 -12.66 25.97 23.04
N ASP A 73 -12.42 27.27 22.90
CA ASP A 73 -13.41 28.31 23.24
CA ASP A 73 -13.39 28.30 23.23
C ASP A 73 -14.28 28.57 22.00
N LYS A 74 -15.32 29.40 22.15
CA LYS A 74 -16.19 29.76 21.02
C LYS A 74 -15.60 31.02 20.27
N SER A 75 -14.26 31.25 20.44
CA SER A 75 -13.54 32.39 19.81
C SER A 75 -13.62 32.42 18.25
N GLY A 76 -14.07 31.31 17.63
CA GLY A 76 -14.20 31.21 16.18
C GLY A 76 -15.46 30.49 15.71
N VAL A 77 -15.62 30.41 14.38
CA VAL A 77 -16.78 29.76 13.75
C VAL A 77 -16.61 28.23 13.63
N GLY A 78 -15.93 27.77 12.57
CA GLY A 78 -15.77 26.35 12.30
C GLY A 78 -14.34 25.83 12.38
N ILE A 79 -14.12 24.72 11.65
CA ILE A 79 -12.82 24.01 11.58
C ILE A 79 -11.53 24.88 11.75
N GLY A 80 -10.76 24.59 12.81
CA GLY A 80 -9.47 25.26 13.08
C GLY A 80 -9.44 26.79 13.16
N HIS A 81 -10.53 27.40 13.67
CA HIS A 81 -10.63 28.90 13.83
C HIS A 81 -10.81 29.33 15.30
N ARG A 82 -10.73 28.35 16.20
CA ARG A 82 -10.83 28.56 17.64
C ARG A 82 -9.39 28.41 18.16
N THR A 83 -9.17 28.64 19.45
CA THR A 83 -7.83 28.48 20.03
C THR A 83 -7.80 27.25 20.92
N SER A 84 -6.90 26.32 20.59
CA SER A 84 -6.77 25.06 21.34
C SER A 84 -5.78 25.14 22.48
N ARG A 85 -6.23 24.72 23.65
CA ARG A 85 -5.39 24.65 24.85
C ARG A 85 -5.62 23.27 25.48
N LEU A 86 -4.65 22.76 26.24
CA LEU A 86 -4.78 21.43 26.81
C LEU A 86 -5.22 21.45 28.26
N GLY A 87 -6.35 20.79 28.51
CA GLY A 87 -6.89 20.63 29.85
C GLY A 87 -6.24 19.43 30.50
N TYR A 88 -6.29 19.39 31.83
CA TYR A 88 -5.67 18.31 32.62
C TYR A 88 -6.74 17.63 33.47
N ALA A 89 -6.74 16.28 33.47
CA ALA A 89 -7.71 15.50 34.24
C ALA A 89 -7.03 14.23 34.74
N THR A 90 -7.41 13.79 35.93
CA THR A 90 -6.83 12.59 36.54
CA THR A 90 -6.83 12.59 36.54
C THR A 90 -7.95 11.62 36.92
N SER A 91 -7.63 10.32 36.91
CA SER A 91 -8.61 9.28 37.26
C SER A 91 -7.99 8.11 38.01
N THR A 92 -8.74 7.54 38.96
CA THR A 92 -8.29 6.37 39.73
C THR A 92 -8.81 5.06 39.14
N ASP A 93 -9.79 5.15 38.23
CA ASP A 93 -10.42 3.94 37.64
C ASP A 93 -10.45 3.93 36.09
N GLY A 94 -9.95 4.99 35.46
CA GLY A 94 -9.94 5.09 33.98
C GLY A 94 -11.25 5.53 33.31
N THR A 95 -12.32 5.68 34.10
CA THR A 95 -13.65 6.04 33.58
C THR A 95 -14.25 7.34 34.18
N HIS A 96 -13.81 7.72 35.38
CA HIS A 96 -14.29 8.93 36.03
C HIS A 96 -13.10 9.86 36.25
N PHE A 97 -13.17 11.05 35.68
CA PHE A 97 -12.07 12.02 35.74
C PHE A 97 -12.33 13.25 36.58
N GLN A 98 -11.23 13.77 37.16
CA GLN A 98 -11.23 14.95 38.01
C GLN A 98 -10.40 16.04 37.29
N ARG A 99 -11.09 17.02 36.75
CA ARG A 99 -10.46 18.06 35.92
C ARG A 99 -10.05 19.30 36.65
N GLU A 100 -8.99 19.94 36.16
CA GLU A 100 -8.58 21.23 36.70
C GLU A 100 -9.39 22.26 35.95
N LYS A 101 -9.64 23.39 36.58
CA LYS A 101 -10.45 24.44 35.97
C LYS A 101 -9.69 25.39 35.05
N THR A 102 -8.39 25.19 34.91
CA THR A 102 -7.56 26.02 34.03
C THR A 102 -6.66 25.10 33.18
N PRO A 103 -6.31 25.53 31.94
CA PRO A 103 -5.47 24.68 31.08
C PRO A 103 -4.03 24.62 31.57
N VAL A 104 -3.35 23.51 31.32
CA VAL A 104 -1.94 23.33 31.74
C VAL A 104 -0.95 23.55 30.61
N PHE A 105 -1.44 23.66 29.38
CA PHE A 105 -0.59 23.86 28.22
C PHE A 105 -1.34 24.74 27.23
N TYR A 106 -0.72 25.85 26.84
CA TYR A 106 -1.36 26.82 25.96
C TYR A 106 -0.33 27.73 25.30
N PRO A 107 -0.73 28.46 24.23
CA PRO A 107 0.18 29.42 23.62
C PRO A 107 0.37 30.60 24.57
N ASP A 108 1.58 31.13 24.63
CA ASP A 108 1.91 32.18 25.56
C ASP A 108 3.01 33.04 24.96
N ASN A 109 3.33 34.15 25.61
CA ASN A 109 4.41 35.02 25.14
C ASN A 109 5.78 34.35 25.38
N ASP A 110 6.02 33.25 24.66
CA ASP A 110 7.25 32.48 24.78
C ASP A 110 7.88 32.33 23.38
N SER A 111 8.90 31.49 23.27
CA SER A 111 9.61 31.31 21.99
C SER A 111 8.76 30.74 20.81
N GLN A 112 7.60 30.13 21.10
CA GLN A 112 6.77 29.50 20.06
C GLN A 112 5.51 30.31 19.66
N LYS A 113 5.38 31.55 20.16
CA LYS A 113 4.19 32.39 19.88
C LYS A 113 3.79 32.46 18.39
N GLU A 114 4.77 32.69 17.51
CA GLU A 114 4.53 32.80 16.04
CA GLU A 114 4.47 32.85 16.09
C GLU A 114 4.02 31.51 15.46
N LEU A 115 4.40 30.38 16.07
CA LEU A 115 4.00 29.06 15.55
C LEU A 115 2.69 28.56 16.16
N GLU A 116 2.36 29.06 17.36
CA GLU A 116 1.18 28.58 18.10
C GLU A 116 0.01 29.55 18.22
N TRP A 117 0.13 30.78 17.75
CA TRP A 117 -0.96 31.76 17.87
C TRP A 117 -1.54 32.10 16.49
N PRO A 118 -2.89 32.14 16.35
CA PRO A 118 -3.96 31.93 17.34
C PRO A 118 -4.63 30.54 17.35
N GLY A 119 -4.09 29.57 16.60
CA GLY A 119 -4.67 28.21 16.55
C GLY A 119 -4.44 27.41 17.82
N GLY A 120 -3.32 27.69 18.51
CA GLY A 120 -3.00 27.04 19.76
C GLY A 120 -2.24 25.75 19.61
N CYS A 121 -2.41 24.89 20.62
CA CYS A 121 -1.73 23.60 20.72
C CYS A 121 -2.78 22.46 20.65
N GLU A 122 -2.69 21.63 19.61
CA GLU A 122 -3.70 20.60 19.35
C GLU A 122 -3.20 19.15 19.43
N ASP A 123 -4.17 18.26 19.52
CA ASP A 123 -3.98 16.82 19.42
C ASP A 123 -2.69 16.28 20.04
N PRO A 124 -2.64 16.22 21.36
CA PRO A 124 -1.47 15.69 22.01
C PRO A 124 -1.42 14.15 22.07
N ARG A 125 -0.20 13.65 22.09
CA ARG A 125 0.10 12.25 22.27
C ARG A 125 1.26 12.25 23.26
N ILE A 126 1.13 11.47 24.34
CA ILE A 126 2.13 11.41 25.38
C ILE A 126 2.66 10.01 25.62
N ALA A 127 3.99 9.90 25.69
CA ALA A 127 4.67 8.67 26.00
C ALA A 127 5.66 9.02 27.11
N VAL A 128 6.06 8.02 27.90
CA VAL A 128 6.97 8.26 29.01
C VAL A 128 8.21 7.38 28.93
N THR A 129 9.36 7.94 29.28
CA THR A 129 10.61 7.19 29.28
C THR A 129 10.68 6.30 30.51
N ASP A 130 11.68 5.43 30.54
CA ASP A 130 11.93 4.55 31.68
C ASP A 130 11.97 5.31 32.98
N ASP A 131 12.61 6.48 32.96
CA ASP A 131 12.86 7.30 34.16
C ASP A 131 11.86 8.42 34.46
N GLY A 132 10.66 8.32 33.90
CA GLY A 132 9.60 9.28 34.17
C GLY A 132 9.61 10.60 33.41
N LEU A 133 10.29 10.68 32.27
CA LEU A 133 10.25 11.90 31.46
C LEU A 133 9.11 11.74 30.46
N TYR A 134 8.08 12.57 30.60
CA TYR A 134 6.94 12.54 29.70
C TYR A 134 7.26 13.37 28.48
N VAL A 135 7.04 12.77 27.29
CA VAL A 135 7.30 13.42 26.03
C VAL A 135 5.99 13.60 25.27
N MSE A 136 5.64 14.86 24.99
CA MSE A 136 4.42 15.17 24.28
C MSE A 136 4.67 15.56 22.85
O MSE A 136 5.44 16.48 22.58
CB MSE A 136 3.67 16.30 24.96
CG MSE A 136 2.50 16.87 24.13
SE MSE A 136 1.62 18.32 25.00
CE MSE A 136 0.79 17.32 26.34
N MSE A 137 3.99 14.89 21.93
CA MSE A 137 4.02 15.22 20.53
C MSE A 137 2.67 15.88 20.27
O MSE A 137 1.62 15.27 20.52
CB MSE A 137 4.13 13.97 19.67
CG MSE A 137 5.41 13.15 19.90
SE MSE A 137 7.03 14.14 19.43
CE MSE A 137 6.60 14.62 17.68
N TYR A 138 2.68 17.13 19.80
CA TYR A 138 1.43 17.87 19.54
C TYR A 138 1.57 18.75 18.31
N THR A 139 0.46 19.34 17.89
CA THR A 139 0.44 20.19 16.74
C THR A 139 0.41 21.66 17.11
N GLN A 140 1.33 22.43 16.53
CA GLN A 140 1.35 23.89 16.68
C GLN A 140 0.51 24.44 15.54
N TRP A 141 -0.42 25.35 15.86
CA TRP A 141 -1.30 25.91 14.83
C TRP A 141 -1.41 27.43 14.92
N ASN A 142 -1.06 28.09 13.80
CA ASN A 142 -1.09 29.56 13.71
C ASN A 142 -1.97 30.02 12.52
N ARG A 143 -2.87 29.14 12.11
CA ARG A 143 -3.79 29.36 10.96
C ARG A 143 -3.05 29.41 9.59
N HIS A 144 -1.76 29.05 9.57
CA HIS A 144 -0.97 29.05 8.35
C HIS A 144 -0.35 27.68 8.13
N VAL A 145 0.51 27.23 9.06
CA VAL A 145 1.17 25.93 8.94
C VAL A 145 1.02 25.09 10.21
N PRO A 146 0.62 23.82 10.07
CA PRO A 146 0.56 22.94 11.23
C PRO A 146 1.90 22.24 11.38
N ARG A 147 2.46 22.23 12.58
CA ARG A 147 3.76 21.61 12.82
C ARG A 147 3.73 20.64 13.98
N LEU A 148 4.36 19.48 13.80
CA LEU A 148 4.49 18.51 14.86
C LEU A 148 5.60 19.01 15.73
N ALA A 149 5.29 19.22 17.01
CA ALA A 149 6.25 19.78 17.96
C ALA A 149 6.39 18.93 19.20
N VAL A 150 7.41 19.23 19.99
CA VAL A 150 7.72 18.49 21.19
C VAL A 150 7.68 19.34 22.45
N ALA A 151 7.19 18.72 23.54
CA ALA A 151 7.15 19.35 24.87
C ALA A 151 7.45 18.25 25.90
N THR A 152 8.30 18.55 26.89
CA THR A 152 8.64 17.55 27.93
C THR A 152 8.21 18.02 29.31
N SER A 153 7.95 17.05 30.18
CA SER A 153 7.53 17.29 31.55
C SER A 153 7.79 16.11 32.43
N ARG A 154 7.87 16.37 33.73
CA ARG A 154 8.03 15.29 34.72
C ARG A 154 6.81 15.14 35.64
N ASN A 155 5.91 16.15 35.64
CA ASN A 155 4.68 16.12 36.45
C ASN A 155 3.40 16.32 35.63
N LEU A 156 3.53 16.37 34.29
CA LEU A 156 2.40 16.56 33.35
C LEU A 156 1.66 17.93 33.49
N LYS A 157 2.24 18.88 34.24
CA LYS A 157 1.66 20.25 34.43
C LYS A 157 2.64 21.35 33.97
N ASP A 158 3.90 21.24 34.38
CA ASP A 158 4.94 22.22 34.02
C ASP A 158 5.69 21.71 32.81
N TRP A 159 5.30 22.20 31.63
CA TRP A 159 5.89 21.75 30.35
C TRP A 159 6.96 22.67 29.80
N THR A 160 7.94 22.05 29.13
CA THR A 160 9.01 22.79 28.47
C THR A 160 8.83 22.60 26.97
N LYS A 161 8.64 23.70 26.25
CA LYS A 161 8.43 23.67 24.81
C LYS A 161 9.78 23.66 24.10
N HIS A 162 10.00 22.66 23.27
CA HIS A 162 11.26 22.52 22.53
C HIS A 162 11.13 22.88 21.05
N GLY A 163 9.91 23.23 20.61
CA GLY A 163 9.68 23.61 19.22
C GLY A 163 9.41 22.44 18.30
N PRO A 164 9.29 22.72 16.99
CA PRO A 164 9.03 21.70 15.97
C PRO A 164 9.98 20.50 16.06
N ALA A 165 9.43 19.29 15.93
CA ALA A 165 10.21 18.07 16.01
C ALA A 165 11.28 17.97 14.92
N PHE A 166 10.96 18.48 13.73
CA PHE A 166 11.86 18.42 12.59
C PHE A 166 12.55 19.75 12.30
N ALA A 167 12.72 20.58 13.32
CA ALA A 167 13.30 21.92 13.14
C ALA A 167 14.76 21.95 12.67
N LYS A 168 15.60 21.08 13.23
CA LYS A 168 17.05 21.05 12.92
C LYS A 168 17.48 20.03 11.86
N ALA A 169 16.76 18.91 11.77
CA ALA A 169 17.09 17.83 10.82
C ALA A 169 17.44 18.32 9.40
N PHE A 170 18.54 17.81 8.87
CA PHE A 170 19.03 18.15 7.51
C PHE A 170 19.12 19.67 7.25
N ASP A 171 19.75 20.39 8.18
CA ASP A 171 19.98 21.86 8.06
C ASP A 171 18.70 22.70 7.93
N GLY A 172 17.63 22.26 8.61
CA GLY A 172 16.35 22.98 8.62
C GLY A 172 15.52 22.79 7.37
N LYS A 173 15.81 21.73 6.62
CA LYS A 173 15.08 21.42 5.38
C LYS A 173 13.55 21.27 5.59
N PHE A 174 13.16 20.65 6.71
CA PHE A 174 11.74 20.41 6.99
C PHE A 174 11.11 21.34 8.04
N PHE A 175 11.75 22.47 8.33
CA PHE A 175 11.21 23.40 9.34
C PHE A 175 9.79 23.87 8.97
N ASN A 176 9.57 24.16 7.68
CA ASN A 176 8.26 24.61 7.17
C ASN A 176 7.32 23.47 6.76
N LEU A 177 7.71 22.23 7.05
CA LEU A 177 6.88 21.08 6.69
C LEU A 177 5.58 21.05 7.49
N GLY A 178 4.45 21.01 6.77
CA GLY A 178 3.15 20.90 7.40
C GLY A 178 3.00 19.47 7.89
N CYS A 179 2.84 19.30 9.20
CA CYS A 179 2.75 17.95 9.76
C CYS A 179 2.06 17.90 11.10
N LYS A 180 1.67 16.70 11.49
CA LYS A 180 1.00 16.48 12.76
C LYS A 180 0.93 14.99 13.09
N SER A 181 0.46 14.68 14.30
CA SER A 181 0.21 13.31 14.76
C SER A 181 1.44 12.40 14.82
N GLY A 182 2.14 12.43 15.96
CA GLY A 182 3.33 11.61 16.18
C GLY A 182 3.13 10.52 17.23
N SER A 183 3.29 9.25 16.81
CA SER A 183 3.15 8.08 17.70
C SER A 183 4.50 7.44 18.02
N ILE A 184 5.08 7.82 19.16
CA ILE A 184 6.39 7.28 19.56
C ILE A 184 6.29 5.79 19.87
N LEU A 185 7.36 5.05 19.55
CA LEU A 185 7.39 3.61 19.81
C LEU A 185 7.58 3.34 21.29
N THR A 186 6.76 2.43 21.82
CA THR A 186 6.79 2.07 23.21
C THR A 186 6.69 0.56 23.37
N GLU A 187 6.96 0.09 24.60
CA GLU A 187 6.86 -1.31 24.97
C GLU A 187 6.44 -1.43 26.44
N VAL A 188 5.68 -2.48 26.73
CA VAL A 188 5.27 -2.76 28.09
C VAL A 188 6.37 -3.60 28.73
N VAL A 189 7.04 -3.03 29.74
CA VAL A 189 8.11 -3.69 30.47
C VAL A 189 7.77 -3.67 31.98
N LYS A 190 7.62 -4.86 32.57
CA LYS A 190 7.25 -5.00 34.02
C LYS A 190 5.92 -4.26 34.34
N GLY A 191 4.92 -4.49 33.50
CA GLY A 191 3.58 -3.88 33.66
C GLY A 191 3.48 -2.38 33.33
N LYS A 192 4.57 -1.79 32.80
CA LYS A 192 4.62 -0.33 32.50
C LYS A 192 4.95 -0.06 31.04
N GLN A 193 4.14 0.77 30.37
CA GLN A 193 4.37 1.12 28.97
C GLN A 193 5.36 2.27 28.93
N VAL A 194 6.55 2.01 28.38
CA VAL A 194 7.60 3.00 28.30
C VAL A 194 8.17 3.14 26.88
N ILE A 195 8.78 4.30 26.62
CA ILE A 195 9.41 4.60 25.34
C ILE A 195 10.54 3.60 25.11
N LYS A 196 10.52 2.94 23.96
CA LYS A 196 11.49 1.93 23.62
C LYS A 196 12.38 2.33 22.47
N LYS A 197 13.66 1.97 22.59
CA LYS A 197 14.63 2.21 21.51
C LYS A 197 14.73 0.96 20.64
N VAL A 198 14.99 1.18 19.36
CA VAL A 198 15.21 0.11 18.40
C VAL A 198 16.39 0.53 17.53
N ASN A 199 17.33 -0.40 17.34
CA ASN A 199 18.53 -0.15 16.54
C ASN A 199 19.37 1.03 17.08
N GLY A 200 19.32 1.24 18.40
CA GLY A 200 20.10 2.29 19.06
C GLY A 200 19.48 3.69 19.17
N LYS A 201 18.35 3.92 18.47
CA LYS A 201 17.69 5.23 18.50
C LYS A 201 16.23 5.14 18.90
N TYR A 202 15.66 6.28 19.28
CA TYR A 202 14.26 6.38 19.58
C TYR A 202 13.53 6.38 18.23
N PHE A 203 12.29 5.88 18.20
CA PHE A 203 11.53 5.76 16.94
C PHE A 203 10.11 6.29 17.06
N MSE A 204 9.60 6.83 15.94
CA MSE A 204 8.28 7.40 15.89
C MSE A 204 7.62 7.23 14.52
O MSE A 204 8.28 7.38 13.49
CB MSE A 204 8.39 8.91 16.20
CG MSE A 204 7.13 9.69 16.01
SE MSE A 204 7.31 11.56 16.47
CE MSE A 204 8.49 12.18 15.04
N TYR A 205 6.33 6.89 14.53
CA TYR A 205 5.52 6.87 13.33
C TYR A 205 4.77 8.18 13.37
N TRP A 206 4.62 8.85 12.24
CA TRP A 206 3.90 10.12 12.21
C TRP A 206 3.24 10.38 10.88
N GLY A 207 2.28 11.30 10.87
CA GLY A 207 1.61 11.72 9.65
C GLY A 207 0.10 11.61 9.65
N GLU A 208 -0.51 12.33 8.71
CA GLU A 208 -1.96 12.38 8.51
C GLU A 208 -2.33 11.78 7.17
N GLU A 209 -1.72 12.29 6.09
CA GLU A 209 -2.01 11.84 4.71
C GLU A 209 -1.32 10.52 4.38
N HIS A 210 -0.22 10.24 5.07
CA HIS A 210 0.52 8.97 4.92
C HIS A 210 1.19 8.66 6.22
N VAL A 211 1.54 7.40 6.43
CA VAL A 211 2.26 7.04 7.62
C VAL A 211 3.72 7.12 7.27
N PHE A 212 4.41 8.05 7.92
CA PHE A 212 5.83 8.24 7.76
C PHE A 212 6.51 7.75 9.04
N ALA A 213 7.82 7.96 9.14
CA ALA A 213 8.56 7.59 10.34
C ALA A 213 9.70 8.56 10.58
N ALA A 214 10.25 8.51 11.78
CA ALA A 214 11.36 9.37 12.18
C ALA A 214 12.11 8.76 13.35
N THR A 215 13.36 9.16 13.51
CA THR A 215 14.20 8.67 14.59
C THR A 215 14.80 9.83 15.36
N SER A 216 15.33 9.54 16.55
CA SER A 216 15.96 10.56 17.39
C SER A 216 16.94 9.95 18.39
N ASP A 217 17.92 10.75 18.77
CA ASP A 217 18.92 10.35 19.77
C ASP A 217 18.55 10.88 21.16
N ASP A 218 17.72 11.92 21.21
CA ASP A 218 17.37 12.60 22.48
C ASP A 218 15.86 12.85 22.72
N LEU A 219 14.99 12.31 21.86
CA LEU A 219 13.52 12.52 21.97
C LEU A 219 13.04 13.96 21.64
N ILE A 220 13.97 14.90 21.44
CA ILE A 220 13.64 16.31 21.16
C ILE A 220 13.80 16.63 19.68
N HIS A 221 14.99 16.36 19.14
CA HIS A 221 15.30 16.62 17.74
C HIS A 221 15.10 15.35 16.93
N TRP A 222 14.09 15.36 16.06
CA TRP A 222 13.74 14.20 15.24
C TRP A 222 14.19 14.35 13.82
N THR A 223 14.58 13.23 13.22
CA THR A 223 15.02 13.19 11.84
C THR A 223 14.10 12.25 11.05
N PRO A 224 13.34 12.79 10.07
CA PRO A 224 12.44 11.92 9.29
C PRO A 224 13.19 10.89 8.47
N ILE A 225 12.59 9.72 8.29
CA ILE A 225 13.19 8.66 7.47
C ILE A 225 12.94 9.06 6.05
N VAL A 226 14.00 9.11 5.27
CA VAL A 226 13.90 9.60 3.91
C VAL A 226 14.41 8.61 2.87
N ASN A 227 13.98 8.83 1.63
CA ASN A 227 14.38 8.02 0.50
C ASN A 227 15.77 8.42 0.00
N ILE A 228 16.26 7.71 -1.02
CA ILE A 228 17.57 8.01 -1.63
C ILE A 228 17.64 9.48 -2.08
N ASP A 229 16.54 10.00 -2.65
CA ASP A 229 16.48 11.40 -3.15
C ASP A 229 16.09 12.45 -2.07
N GLY A 230 15.98 12.01 -0.81
CA GLY A 230 15.63 12.91 0.28
C GLY A 230 14.15 13.13 0.52
N SER A 231 13.28 12.53 -0.32
CA SER A 231 11.82 12.63 -0.11
C SER A 231 11.44 11.83 1.12
N LEU A 232 10.31 12.16 1.74
CA LEU A 232 9.84 11.45 2.92
C LEU A 232 9.39 10.06 2.52
N LYS A 233 9.87 9.06 3.25
CA LYS A 233 9.56 7.66 2.97
C LYS A 233 8.17 7.28 3.49
N LYS A 234 7.28 6.94 2.56
CA LYS A 234 5.92 6.54 2.89
C LYS A 234 5.90 5.05 3.27
N LEU A 235 5.55 4.74 4.53
CA LEU A 235 5.44 3.34 5.02
C LEU A 235 4.17 2.70 4.46
N PHE A 236 3.04 3.38 4.60
CA PHE A 236 1.80 2.95 3.92
C PHE A 236 0.88 4.16 3.72
N SER A 237 -0.13 3.99 2.88
CA SER A 237 -0.99 5.09 2.50
C SER A 237 -2.46 4.72 2.44
N PRO A 238 -3.33 5.74 2.33
CA PRO A 238 -4.74 5.49 2.13
C PRO A 238 -4.94 4.62 0.89
N ARG A 239 -5.99 3.81 0.88
CA ARG A 239 -6.27 2.85 -0.21
C ARG A 239 -7.72 2.95 -0.69
N ASP A 240 -7.92 2.81 -1.99
CA ASP A 240 -9.26 2.86 -2.57
C ASP A 240 -10.17 1.74 -2.03
N GLY A 241 -11.44 2.04 -1.85
CA GLY A 241 -12.45 1.04 -1.46
C GLY A 241 -12.49 0.60 -0.01
N TYR A 242 -11.73 1.27 0.85
CA TYR A 242 -11.70 0.93 2.28
C TYR A 242 -11.98 2.17 3.14
N PHE A 243 -12.19 1.95 4.43
CA PHE A 243 -12.48 3.04 5.38
C PHE A 243 -11.34 4.03 5.49
N ASP A 244 -10.10 3.57 5.28
CA ASP A 244 -8.93 4.46 5.35
C ASP A 244 -8.48 4.77 3.94
N SER A 245 -9.34 5.51 3.25
CA SER A 245 -9.16 5.86 1.82
C SER A 245 -8.75 7.29 1.52
N HIS A 246 -8.90 8.19 2.50
CA HIS A 246 -8.49 9.58 2.33
C HIS A 246 -7.30 9.91 3.22
N LEU A 247 -7.32 9.40 4.46
CA LEU A 247 -6.24 9.64 5.42
C LEU A 247 -5.92 8.41 6.23
N THR A 248 -4.65 8.26 6.57
CA THR A 248 -4.18 7.20 7.46
C THR A 248 -3.41 7.96 8.51
N GLU A 249 -4.10 8.39 9.57
CA GLU A 249 -3.50 9.25 10.59
C GLU A 249 -3.17 8.52 11.89
N CYS A 250 -1.91 8.66 12.31
CA CYS A 250 -1.41 8.04 13.50
C CYS A 250 -2.27 8.34 14.73
N GLY A 251 -2.57 7.31 15.52
CA GLY A 251 -3.38 7.45 16.73
C GLY A 251 -2.49 7.55 17.96
N PRO A 252 -2.71 6.68 18.95
CA PRO A 252 -1.86 6.72 20.14
C PRO A 252 -0.45 6.16 19.84
N PRO A 253 0.48 6.22 20.85
CA PRO A 253 1.82 5.69 20.67
C PRO A 253 1.82 4.24 20.20
N ALA A 254 2.78 3.88 19.34
CA ALA A 254 2.90 2.52 18.80
C ALA A 254 3.43 1.59 19.91
N ILE A 255 3.00 0.32 19.88
CA ILE A 255 3.38 -0.68 20.90
C ILE A 255 4.14 -1.89 20.31
N TYR A 256 5.37 -2.09 20.79
CA TYR A 256 6.19 -3.22 20.43
C TYR A 256 5.71 -4.42 21.25
N THR A 257 5.28 -5.48 20.55
CA THR A 257 4.80 -6.70 21.21
C THR A 257 5.57 -7.90 20.65
N PRO A 258 5.37 -9.10 21.24
CA PRO A 258 6.00 -10.31 20.73
C PRO A 258 5.66 -10.64 19.26
N LYS A 259 4.41 -10.39 18.84
CA LYS A 259 3.99 -10.66 17.43
C LYS A 259 4.40 -9.55 16.43
N GLY A 260 4.95 -8.43 16.95
CA GLY A 260 5.38 -7.29 16.09
C GLY A 260 4.96 -5.92 16.69
N ILE A 261 5.26 -4.85 15.96
CA ILE A 261 4.93 -3.48 16.40
C ILE A 261 3.55 -3.10 15.85
N VAL A 262 2.64 -2.76 16.76
CA VAL A 262 1.29 -2.39 16.37
C VAL A 262 1.06 -0.88 16.45
N LEU A 263 0.63 -0.30 15.34
CA LEU A 263 0.25 1.13 15.29
C LEU A 263 -1.27 1.20 15.15
N LEU A 264 -1.93 1.77 16.15
CA LEU A 264 -3.38 1.95 16.09
C LEU A 264 -3.53 3.30 15.46
N TYR A 265 -4.35 3.39 14.41
CA TYR A 265 -4.46 4.65 13.67
C TYR A 265 -5.90 5.00 13.29
N ASN A 266 -6.06 6.19 12.73
CA ASN A 266 -7.36 6.72 12.33
C ASN A 266 -7.47 6.83 10.85
N GLY A 267 -8.52 6.23 10.29
CA GLY A 267 -8.76 6.27 8.86
C GLY A 267 -9.94 7.16 8.50
N LYS A 268 -9.74 8.07 7.56
CA LYS A 268 -10.82 8.95 7.09
C LYS A 268 -11.33 8.41 5.78
N ASN A 269 -12.64 8.27 5.65
CA ASN A 269 -13.26 7.69 4.45
C ASN A 269 -13.41 8.73 3.31
N HIS A 270 -12.87 8.40 2.13
CA HIS A 270 -12.93 9.28 0.97
C HIS A 270 -14.34 9.18 0.34
N SER A 271 -14.94 10.31 -0.02
CA SER A 271 -16.31 10.29 -0.60
C SER A 271 -16.38 9.78 -2.06
N GLY A 272 -15.26 9.88 -2.77
CA GLY A 272 -15.17 9.42 -4.16
C GLY A 272 -14.40 8.12 -4.37
N ARG A 273 -13.44 7.83 -3.48
CA ARG A 273 -12.59 6.63 -3.58
C ARG A 273 -12.69 5.71 -2.35
N GLY A 274 -13.64 5.98 -1.46
CA GLY A 274 -13.78 5.19 -0.25
C GLY A 274 -14.77 4.05 -0.31
N ASP A 275 -15.22 3.65 0.87
CA ASP A 275 -16.17 2.57 1.04
C ASP A 275 -17.47 3.16 1.55
N LYS A 276 -18.51 3.07 0.73
CA LYS A 276 -19.80 3.58 1.12
C LYS A 276 -20.49 2.80 2.27
N ARG A 277 -19.94 1.65 2.64
CA ARG A 277 -20.45 0.90 3.77
C ARG A 277 -20.32 1.77 5.04
N TYR A 278 -19.30 2.63 5.05
CA TYR A 278 -19.06 3.56 6.15
C TYR A 278 -19.37 4.98 5.73
N THR A 279 -19.57 5.84 6.72
CA THR A 279 -19.88 7.25 6.50
C THR A 279 -18.71 7.97 5.81
N ALA A 280 -19.05 8.87 4.90
CA ALA A 280 -18.07 9.60 4.14
C ALA A 280 -17.46 10.73 4.97
N ASN A 281 -16.16 10.96 4.76
CA ASN A 281 -15.45 12.07 5.41
C ASN A 281 -15.42 12.06 6.93
N VAL A 282 -15.41 10.87 7.52
CA VAL A 282 -15.32 10.73 8.98
C VAL A 282 -14.33 9.64 9.32
N TYR A 283 -13.96 9.59 10.60
CA TYR A 283 -12.94 8.66 11.07
C TYR A 283 -13.46 7.41 11.75
N ALA A 284 -12.75 6.31 11.49
CA ALA A 284 -12.97 5.02 12.12
C ALA A 284 -11.57 4.46 12.35
N ALA A 285 -11.38 3.76 13.48
CA ALA A 285 -10.08 3.31 13.90
C ALA A 285 -9.63 1.98 13.32
N GLY A 286 -8.35 1.94 12.94
CA GLY A 286 -7.73 0.75 12.38
C GLY A 286 -6.46 0.41 13.12
N GLN A 287 -5.79 -0.64 12.67
CA GLN A 287 -4.51 -1.07 13.26
C GLN A 287 -3.61 -1.59 12.16
N ALA A 288 -2.34 -1.29 12.26
CA ALA A 288 -1.35 -1.75 11.29
C ALA A 288 -0.25 -2.52 12.05
N LEU A 289 0.34 -3.53 11.41
CA LEU A 289 1.38 -4.35 12.03
C LEU A 289 2.71 -4.19 11.29
N PHE A 290 3.78 -3.90 12.03
CA PHE A 290 5.12 -3.74 11.48
C PHE A 290 6.08 -4.77 12.10
N ASP A 291 7.17 -5.05 11.40
CA ASP A 291 8.15 -6.01 11.84
C ASP A 291 8.88 -5.51 13.12
N ALA A 292 9.02 -6.40 14.11
CA ALA A 292 9.68 -6.05 15.36
C ALA A 292 11.15 -5.69 15.13
N ASN A 293 11.82 -6.47 14.29
CA ASN A 293 13.24 -6.23 13.97
C ASN A 293 13.50 -5.01 13.06
N ASP A 294 12.49 -4.63 12.25
CA ASP A 294 12.59 -3.44 11.36
C ASP A 294 11.25 -2.68 11.41
N PRO A 295 11.16 -1.62 12.26
CA PRO A 295 9.88 -0.89 12.45
C PRO A 295 9.30 -0.19 11.22
N THR A 296 10.12 0.03 10.18
CA THR A 296 9.60 0.65 8.93
C THR A 296 9.08 -0.40 7.95
N ARG A 297 9.23 -1.69 8.29
CA ARG A 297 8.77 -2.80 7.43
CA ARG A 297 8.77 -2.78 7.41
C ARG A 297 7.30 -3.16 7.71
N PHE A 298 6.41 -2.71 6.82
CA PHE A 298 4.97 -2.97 6.92
C PHE A 298 4.64 -4.44 6.71
N ILE A 299 3.76 -4.98 7.55
CA ILE A 299 3.33 -6.39 7.42
C ILE A 299 1.88 -6.43 6.93
N THR A 300 0.96 -5.79 7.66
CA THR A 300 -0.45 -5.81 7.30
C THR A 300 -1.23 -4.79 8.07
N ARG A 301 -2.49 -4.60 7.69
CA ARG A 301 -3.44 -3.75 8.43
C ARG A 301 -4.81 -4.40 8.40
N LEU A 302 -5.69 -3.95 9.30
CA LEU A 302 -7.03 -4.47 9.36
C LEU A 302 -7.80 -3.95 8.17
N ASP A 303 -8.57 -4.82 7.53
CA ASP A 303 -9.39 -4.45 6.38
C ASP A 303 -10.68 -3.74 6.80
N GLU A 304 -11.07 -3.90 8.06
CA GLU A 304 -12.27 -3.29 8.61
C GLU A 304 -11.85 -2.54 9.89
N PRO A 305 -12.48 -1.39 10.17
CA PRO A 305 -12.12 -0.70 11.39
C PRO A 305 -12.55 -1.53 12.62
N PHE A 306 -11.73 -1.52 13.67
CA PHE A 306 -12.02 -2.29 14.91
C PHE A 306 -12.87 -1.51 15.87
N PHE A 307 -12.91 -0.18 15.68
CA PHE A 307 -13.68 0.72 16.54
C PHE A 307 -14.22 1.85 15.66
N ARG A 308 -15.53 2.09 15.75
CA ARG A 308 -16.20 3.15 14.95
C ARG A 308 -17.36 3.74 15.74
N PRO A 309 -17.95 4.85 15.23
CA PRO A 309 -19.10 5.46 15.93
C PRO A 309 -20.26 4.52 16.04
N MSE A 310 -20.71 4.26 17.27
CA MSE A 310 -21.85 3.36 17.55
C MSE A 310 -22.93 4.00 18.41
O MSE A 310 -24.10 3.79 18.19
CB MSE A 310 -21.36 2.10 18.27
CG MSE A 310 -20.39 1.23 17.48
SE MSE A 310 -21.17 0.40 15.92
CE MSE A 310 -22.65 -0.56 16.79
N ASP A 311 -22.51 4.77 19.42
CA ASP A 311 -23.44 5.38 20.36
C ASP A 311 -23.67 6.86 20.06
N SER A 312 -24.76 7.39 20.63
CA SER A 312 -25.17 8.77 20.41
C SER A 312 -24.16 9.81 20.87
N PHE A 313 -23.42 9.51 21.96
CA PHE A 313 -22.39 10.49 22.46
C PHE A 313 -21.25 10.67 21.47
N GLU A 314 -21.06 9.70 20.56
CA GLU A 314 -20.05 9.77 19.50
C GLU A 314 -20.65 10.44 18.25
N LYS A 315 -21.89 10.94 18.39
CA LYS A 315 -22.63 11.61 17.31
C LYS A 315 -23.07 13.02 17.74
N SER A 316 -23.39 13.86 16.76
CA SER A 316 -23.84 15.23 17.03
C SER A 316 -24.71 15.73 15.89
N GLY A 317 -25.19 16.96 16.00
CA GLY A 317 -25.96 17.59 14.92
C GLY A 317 -25.05 17.86 13.72
N GLN A 318 -23.77 18.12 14.02
CA GLN A 318 -22.74 18.37 13.01
C GLN A 318 -22.38 17.04 12.27
N TYR A 319 -22.20 15.95 13.06
CA TYR A 319 -21.90 14.63 12.52
C TYR A 319 -23.02 13.67 12.92
N VAL A 320 -24.06 13.61 12.08
CA VAL A 320 -25.25 12.77 12.33
C VAL A 320 -24.93 11.29 12.57
N ASP A 321 -23.98 10.77 11.79
CA ASP A 321 -23.55 9.35 11.91
C ASP A 321 -22.28 9.20 12.75
N GLY A 322 -21.85 10.29 13.37
CA GLY A 322 -20.69 10.30 14.26
C GLY A 322 -19.32 10.15 13.65
N THR A 323 -18.32 10.35 14.51
CA THR A 323 -16.93 10.20 14.13
C THR A 323 -16.07 10.01 15.45
N VAL A 324 -15.08 9.09 15.40
CA VAL A 324 -14.19 8.85 16.56
C VAL A 324 -12.72 8.97 16.16
N PHE A 325 -11.92 9.56 17.02
CA PHE A 325 -10.50 9.78 16.76
C PHE A 325 -9.66 9.28 17.95
N ILE A 326 -9.05 8.07 17.81
CA ILE A 326 -8.26 7.48 18.91
C ILE A 326 -6.93 8.17 19.03
N GLU A 327 -6.49 8.39 20.26
CA GLU A 327 -5.28 9.17 20.51
C GLU A 327 -4.55 8.88 21.84
N GLY A 328 -5.29 8.41 22.86
CA GLY A 328 -4.72 8.10 24.18
C GLY A 328 -4.94 6.65 24.51
N MSE A 329 -4.00 6.05 25.24
CA MSE A 329 -4.08 4.63 25.56
C MSE A 329 -3.21 4.30 26.79
O MSE A 329 -2.04 4.65 26.82
CB MSE A 329 -3.63 3.85 24.33
CG MSE A 329 -3.89 2.38 24.35
SE MSE A 329 -3.49 1.62 22.58
CE MSE A 329 -3.75 -0.25 23.04
N VAL A 330 -3.80 3.62 27.77
CA VAL A 330 -3.08 3.31 29.00
C VAL A 330 -3.32 1.88 29.48
N TYR A 331 -2.24 1.18 29.81
CA TYR A 331 -2.34 -0.16 30.38
C TYR A 331 -2.44 0.07 31.87
N PHE A 332 -3.61 -0.20 32.42
CA PHE A 332 -3.90 0.11 33.82
C PHE A 332 -4.68 -1.02 34.45
N LYS A 333 -4.16 -1.55 35.56
CA LYS A 333 -4.81 -2.65 36.29
C LYS A 333 -5.13 -3.82 35.35
N ASN A 334 -4.11 -4.23 34.58
CA ASN A 334 -4.18 -5.37 33.64
C ASN A 334 -5.22 -5.26 32.48
N LYS A 335 -5.64 -4.03 32.16
CA LYS A 335 -6.58 -3.78 31.04
C LYS A 335 -6.12 -2.58 30.26
N TRP A 336 -6.55 -2.48 29.01
CA TRP A 336 -6.19 -1.36 28.15
C TRP A 336 -7.33 -0.34 28.02
N TYR A 337 -7.04 0.91 28.36
CA TYR A 337 -8.00 2.00 28.29
C TYR A 337 -7.72 2.88 27.07
N LEU A 338 -8.65 2.90 26.13
CA LEU A 338 -8.52 3.68 24.89
C LEU A 338 -9.30 4.97 25.00
N TYR A 339 -8.61 6.10 24.86
CA TYR A 339 -9.25 7.42 24.95
C TYR A 339 -9.29 8.05 23.59
N TYR A 340 -10.46 8.58 23.23
CA TYR A 340 -10.68 9.12 21.89
C TYR A 340 -11.62 10.32 21.85
N GLY A 341 -11.52 11.07 20.76
CA GLY A 341 -12.38 12.23 20.54
C GLY A 341 -13.69 11.79 19.90
N CYS A 342 -14.79 12.39 20.35
CA CYS A 342 -16.14 12.07 19.87
C CYS A 342 -16.76 13.25 19.16
N ALA A 343 -16.99 13.08 17.85
CA ALA A 343 -17.61 14.13 17.02
C ALA A 343 -16.88 15.48 17.18
N ASP A 344 -15.56 15.44 17.34
CA ASP A 344 -14.75 16.65 17.57
C ASP A 344 -15.30 17.56 18.70
N SER A 345 -15.98 16.98 19.69
CA SER A 345 -16.53 17.80 20.77
C SER A 345 -16.49 17.20 22.20
N LYS A 346 -16.34 15.88 22.32
CA LYS A 346 -16.28 15.20 23.65
C LYS A 346 -15.17 14.14 23.68
N VAL A 347 -14.85 13.65 24.87
CA VAL A 347 -13.85 12.57 25.03
C VAL A 347 -14.54 11.31 25.48
N GLY A 348 -14.18 10.19 24.90
CA GLY A 348 -14.75 8.91 25.25
C GLY A 348 -13.70 7.92 25.65
N VAL A 349 -14.14 6.87 26.33
CA VAL A 349 -13.26 5.76 26.74
C VAL A 349 -13.89 4.42 26.37
N ALA A 350 -13.04 3.45 26.04
CA ALA A 350 -13.45 2.07 25.71
C ALA A 350 -12.34 1.20 26.29
N VAL A 351 -12.70 0.04 26.78
CA VAL A 351 -11.75 -0.81 27.51
C VAL A 351 -11.57 -2.21 26.94
N TYR A 352 -10.32 -2.57 26.68
CA TYR A 352 -9.96 -3.91 26.21
C TYR A 352 -9.31 -4.71 27.36
N ASP A 353 -9.90 -5.88 27.61
CA ASP A 353 -9.46 -6.79 28.66
C ASP A 353 -8.81 -8.05 28.03
N PRO A 354 -7.45 -8.13 28.05
CA PRO A 354 -6.70 -9.28 27.46
C PRO A 354 -7.11 -10.66 27.96
N LYS A 355 -7.57 -10.76 29.22
CA LYS A 355 -7.96 -12.03 29.81
C LYS A 355 -9.40 -12.43 29.45
N ARG A 356 -10.14 -11.55 28.78
CA ARG A 356 -11.51 -11.83 28.38
C ARG A 356 -11.88 -10.90 27.22
N PRO A 357 -11.19 -11.05 26.07
CA PRO A 357 -11.42 -10.18 24.93
C PRO A 357 -12.88 -10.18 24.40
N ALA A 358 -13.45 -8.99 24.28
CA ALA A 358 -14.77 -8.81 23.74
C ALA A 358 -14.65 -8.70 22.24
N LYS A 359 -15.77 -8.81 21.54
CA LYS A 359 -15.79 -8.65 20.09
C LYS A 359 -15.56 -7.18 19.75
N ALA A 360 -15.04 -6.92 18.55
CA ALA A 360 -14.84 -5.55 18.09
C ALA A 360 -16.20 -4.99 17.65
N ASP A 361 -16.25 -3.73 17.27
CA ASP A 361 -17.50 -3.16 16.79
C ASP A 361 -17.90 -3.97 15.56
N PRO A 362 -19.19 -4.31 15.45
CA PRO A 362 -19.61 -5.11 14.31
C PRO A 362 -19.55 -4.33 13.01
N LEU A 363 -19.52 -5.04 11.90
CA LEU A 363 -19.50 -4.43 10.60
C LEU A 363 -20.89 -3.83 10.37
N PRO A 364 -20.98 -2.73 9.62
CA PRO A 364 -22.29 -2.10 9.35
C PRO A 364 -23.20 -2.95 8.45
N HIS B 6 23.88 -15.18 5.67
CA HIS B 6 23.11 -13.95 6.03
C HIS B 6 22.22 -13.42 4.85
N LYS B 7 22.60 -13.77 3.60
CA LYS B 7 21.90 -13.31 2.37
C LYS B 7 20.84 -14.33 1.84
N GLU B 8 20.17 -15.02 2.76
CA GLU B 8 19.16 -16.02 2.39
C GLU B 8 17.80 -15.34 2.10
N ASN B 9 17.09 -15.83 1.08
CA ASN B 9 15.80 -15.25 0.66
C ASN B 9 14.66 -16.26 0.82
N LYS B 10 14.22 -16.44 2.07
CA LYS B 10 13.15 -17.40 2.41
C LYS B 10 11.80 -16.95 1.86
N LEU B 11 11.09 -17.90 1.23
CA LEU B 11 9.78 -17.65 0.66
C LEU B 11 8.73 -18.16 1.60
N PRO B 12 7.56 -17.46 1.64
CA PRO B 12 6.44 -17.95 2.47
C PRO B 12 5.79 -19.15 1.77
N ASP B 13 5.05 -19.96 2.52
CA ASP B 13 4.42 -21.20 2.00
C ASP B 13 3.45 -21.04 0.83
N TRP B 14 2.88 -19.85 0.66
CA TRP B 14 1.90 -19.59 -0.44
C TRP B 14 2.55 -19.21 -1.79
N ALA B 15 3.82 -18.78 -1.76
CA ALA B 15 4.52 -18.33 -2.98
C ALA B 15 5.10 -19.45 -3.83
N PHE B 16 5.23 -19.19 -5.13
CA PHE B 16 5.84 -20.15 -6.08
C PHE B 16 7.34 -19.96 -6.07
N GLY B 17 8.10 -21.06 -6.18
CA GLY B 17 9.56 -21.01 -6.24
C GLY B 17 10.32 -21.83 -5.20
N GLY B 18 11.65 -21.76 -5.25
CA GLY B 18 12.38 -20.94 -6.22
C GLY B 18 12.39 -21.50 -7.62
N PHE B 19 12.66 -20.63 -8.60
CA PHE B 19 12.73 -21.04 -9.99
C PHE B 19 14.21 -21.10 -10.35
N GLU B 20 14.71 -22.29 -10.60
CA GLU B 20 16.12 -22.49 -10.90
C GLU B 20 16.43 -22.45 -12.39
N ARG B 21 17.46 -21.70 -12.75
CA ARG B 21 17.92 -21.59 -14.12
C ARG B 21 18.66 -22.88 -14.51
N PRO B 22 18.14 -23.64 -15.50
CA PRO B 22 18.87 -24.85 -15.88
C PRO B 22 20.24 -24.52 -16.49
N LYS B 23 21.23 -25.38 -16.23
CA LYS B 23 22.60 -25.17 -16.73
C LYS B 23 22.70 -25.32 -18.26
N ASN B 24 23.55 -24.48 -18.88
CA ASN B 24 23.83 -24.51 -20.35
C ASN B 24 22.61 -24.42 -21.26
N VAL B 25 21.57 -23.72 -20.81
CA VAL B 25 20.32 -23.57 -21.58
C VAL B 25 19.96 -22.12 -21.92
N ASN B 26 20.15 -21.21 -20.98
CA ASN B 26 19.81 -19.82 -21.22
C ASN B 26 20.91 -19.09 -22.02
N PRO B 27 20.50 -18.15 -22.91
CA PRO B 27 19.11 -17.79 -23.24
C PRO B 27 18.47 -18.82 -24.20
N VAL B 28 17.18 -19.10 -24.02
CA VAL B 28 16.49 -20.06 -24.89
C VAL B 28 16.15 -19.47 -26.26
N ILE B 29 15.87 -18.16 -26.29
CA ILE B 29 15.56 -17.46 -27.54
C ILE B 29 16.33 -16.13 -27.63
N SER B 30 17.13 -16.01 -28.68
CA SER B 30 17.91 -14.82 -28.97
C SER B 30 17.59 -14.35 -30.40
N PRO B 31 17.94 -13.09 -30.72
CA PRO B 31 17.70 -12.55 -32.06
C PRO B 31 18.43 -13.29 -33.17
N ILE B 32 17.80 -13.33 -34.35
CA ILE B 32 18.38 -13.93 -35.57
C ILE B 32 18.23 -12.88 -36.67
N GLU B 33 19.33 -12.58 -37.36
CA GLU B 33 19.36 -11.48 -38.33
C GLU B 33 18.99 -11.83 -39.77
N ASN B 34 19.12 -13.10 -40.15
CA ASN B 34 18.87 -13.51 -41.55
C ASN B 34 17.49 -14.20 -41.80
N THR B 35 16.65 -14.27 -40.76
CA THR B 35 15.28 -14.79 -40.93
C THR B 35 14.44 -13.60 -41.35
N LYS B 36 13.82 -13.69 -42.52
CA LYS B 36 13.07 -12.58 -43.06
C LYS B 36 11.62 -12.87 -43.29
N PHE B 37 10.86 -11.78 -43.30
CA PHE B 37 9.43 -11.79 -43.43
C PHE B 37 9.00 -10.61 -44.30
N TYR B 38 8.04 -10.84 -45.19
CA TYR B 38 7.54 -9.76 -46.05
C TYR B 38 6.39 -9.06 -45.31
N CYS B 39 6.70 -7.90 -44.73
CA CYS B 39 5.71 -7.11 -43.98
C CYS B 39 4.76 -6.38 -44.96
N PRO B 40 3.44 -6.59 -44.80
CA PRO B 40 2.46 -5.95 -45.67
C PRO B 40 2.28 -4.43 -45.42
N LEU B 41 2.79 -3.94 -44.29
CA LEU B 41 2.74 -2.49 -43.98
C LEU B 41 4.07 -1.78 -44.39
N THR B 42 5.13 -2.55 -44.57
CA THR B 42 6.41 -1.99 -45.00
C THR B 42 6.61 -2.22 -46.52
N LYS B 43 5.93 -3.25 -47.07
CA LYS B 43 6.07 -3.63 -48.46
C LYS B 43 7.54 -3.91 -48.77
N ASP B 44 8.16 -4.73 -47.92
CA ASP B 44 9.55 -5.12 -48.10
C ASP B 44 9.89 -6.27 -47.16
N SER B 45 10.94 -7.01 -47.49
CA SER B 45 11.41 -8.08 -46.62
C SER B 45 12.17 -7.44 -45.48
N ILE B 46 11.85 -7.84 -44.25
CA ILE B 46 12.51 -7.27 -43.07
C ILE B 46 13.03 -8.35 -42.13
N ALA B 47 14.13 -8.04 -41.44
CA ALA B 47 14.71 -8.95 -40.48
C ALA B 47 13.95 -8.71 -39.19
N TRP B 48 12.74 -9.26 -39.15
CA TRP B 48 11.77 -9.05 -38.03
C TRP B 48 12.23 -9.36 -36.59
N GLU B 49 13.19 -10.28 -36.44
CA GLU B 49 13.71 -10.66 -35.12
C GLU B 49 15.23 -10.47 -35.03
N SER B 50 15.75 -9.52 -35.78
CA SER B 50 17.20 -9.29 -35.85
C SER B 50 17.78 -8.50 -34.70
N ASN B 51 16.94 -7.75 -33.98
CA ASN B 51 17.44 -6.85 -32.95
C ASN B 51 17.28 -7.36 -31.51
N ASP B 52 16.06 -7.78 -31.15
CA ASP B 52 15.76 -8.25 -29.78
C ASP B 52 14.59 -9.23 -29.78
N THR B 53 14.70 -10.26 -28.96
CA THR B 53 13.63 -11.28 -28.80
C THR B 53 13.43 -11.47 -27.31
N PHE B 54 12.30 -10.97 -26.79
CA PHE B 54 12.07 -10.95 -25.33
C PHE B 54 10.56 -11.01 -24.92
N ASN B 55 10.23 -10.49 -23.70
CA ASN B 55 8.83 -10.44 -23.16
C ASN B 55 7.86 -11.45 -23.81
N PRO B 56 7.97 -12.73 -23.41
CA PRO B 56 7.19 -13.80 -24.03
C PRO B 56 5.93 -14.25 -23.33
N ALA B 57 5.03 -14.85 -24.12
CA ALA B 57 3.84 -15.52 -23.61
C ALA B 57 4.18 -17.00 -23.68
N ALA B 58 3.57 -17.80 -22.84
CA ALA B 58 3.81 -19.23 -22.84
C ALA B 58 2.51 -19.95 -22.52
N THR B 59 2.32 -21.10 -23.14
CA THR B 59 1.14 -21.88 -22.90
C THR B 59 1.36 -23.37 -23.30
N LEU B 60 0.36 -24.19 -23.03
CA LEU B 60 0.42 -25.63 -23.36
C LEU B 60 -0.50 -25.86 -24.54
N TYR B 61 -0.01 -26.64 -25.52
CA TYR B 61 -0.78 -26.94 -26.71
C TYR B 61 -0.33 -28.25 -27.30
N ASN B 62 -1.28 -29.19 -27.42
CA ASN B 62 -1.05 -30.50 -28.00
C ASN B 62 0.15 -31.24 -27.36
N GLY B 63 0.23 -31.17 -26.03
CA GLY B 63 1.29 -31.84 -25.28
C GLY B 63 2.68 -31.19 -25.34
N GLU B 64 2.74 -29.96 -25.86
CA GLU B 64 4.00 -29.23 -25.98
C GLU B 64 3.89 -27.80 -25.45
N ILE B 65 5.01 -27.27 -24.98
CA ILE B 65 5.06 -25.90 -24.55
C ILE B 65 5.23 -25.06 -25.78
N VAL B 66 4.46 -23.97 -25.87
CA VAL B 66 4.57 -23.04 -26.97
C VAL B 66 4.83 -21.67 -26.41
N VAL B 67 5.81 -20.97 -26.99
CA VAL B 67 6.17 -19.62 -26.57
C VAL B 67 6.04 -18.63 -27.72
N LEU B 68 5.30 -17.54 -27.50
CA LEU B 68 5.21 -16.44 -28.48
C LEU B 68 6.05 -15.34 -27.92
N TYR B 69 7.20 -15.10 -28.56
CA TYR B 69 8.15 -14.10 -28.09
C TYR B 69 8.03 -12.78 -28.83
N ARG B 70 8.19 -11.70 -28.06
CA ARG B 70 8.18 -10.36 -28.63
C ARG B 70 9.48 -10.19 -29.42
N ALA B 71 9.35 -9.92 -30.72
CA ALA B 71 10.50 -9.74 -31.59
C ALA B 71 10.52 -8.34 -32.17
N GLU B 72 11.67 -7.68 -32.08
CA GLU B 72 11.84 -6.34 -32.63
C GLU B 72 12.86 -6.34 -33.75
N ASP B 73 12.56 -5.55 -34.78
CA ASP B 73 13.43 -5.37 -35.94
C ASP B 73 14.33 -4.13 -35.70
N LYS B 74 15.07 -3.68 -36.73
CA LYS B 74 15.93 -2.47 -36.62
C LYS B 74 15.29 -1.26 -37.36
N SER B 75 13.96 -1.14 -37.29
CA SER B 75 13.24 -0.02 -37.95
C SER B 75 13.35 1.30 -37.15
N GLY B 76 13.89 1.22 -35.93
CA GLY B 76 14.10 2.40 -35.06
C GLY B 76 15.25 2.17 -34.09
N VAL B 77 15.72 3.25 -33.45
CA VAL B 77 16.88 3.16 -32.55
C VAL B 77 16.52 2.90 -31.06
N GLY B 78 15.90 3.87 -30.41
CA GLY B 78 15.57 3.76 -28.96
C GLY B 78 14.49 2.77 -28.57
N ILE B 79 14.15 2.76 -27.28
CA ILE B 79 13.12 1.89 -26.72
C ILE B 79 11.74 2.36 -27.21
N GLY B 80 10.91 1.42 -27.67
CA GLY B 80 9.57 1.75 -28.20
C GLY B 80 9.59 2.34 -29.63
N HIS B 81 10.78 2.45 -30.24
CA HIS B 81 10.94 3.00 -31.62
C HIS B 81 11.05 1.91 -32.72
N ARG B 82 11.01 0.64 -32.33
CA ARG B 82 11.03 -0.47 -33.29
C ARG B 82 9.60 -1.01 -33.46
N THR B 83 9.41 -1.95 -34.38
CA THR B 83 8.12 -2.58 -34.54
C THR B 83 8.18 -3.97 -33.90
N SER B 84 7.21 -4.27 -33.04
CA SER B 84 7.13 -5.56 -32.38
C SER B 84 6.18 -6.51 -33.10
N ARG B 85 6.66 -7.74 -33.29
CA ARG B 85 5.88 -8.82 -33.88
C ARG B 85 6.14 -10.06 -33.03
N LEU B 86 5.22 -11.01 -33.03
CA LEU B 86 5.38 -12.20 -32.20
C LEU B 86 5.92 -13.44 -32.96
N GLY B 87 7.00 -14.00 -32.43
CA GLY B 87 7.59 -15.23 -32.96
C GLY B 87 6.86 -16.44 -32.35
N TYR B 88 7.15 -17.62 -32.87
CA TYR B 88 6.49 -18.85 -32.42
C TYR B 88 7.53 -19.95 -32.28
N ALA B 89 7.64 -20.50 -31.06
CA ALA B 89 8.60 -21.56 -30.76
C ALA B 89 7.91 -22.67 -29.95
N THR B 90 8.26 -23.93 -30.27
CA THR B 90 7.68 -25.11 -29.62
CA THR B 90 7.68 -25.09 -29.58
C THR B 90 8.76 -25.93 -28.91
N SER B 91 8.39 -26.58 -27.81
CA SER B 91 9.33 -27.42 -27.06
C SER B 91 8.64 -28.61 -26.41
N THR B 92 9.33 -29.75 -26.40
CA THR B 92 8.80 -30.96 -25.75
C THR B 92 9.39 -31.16 -24.34
N ASP B 93 10.41 -30.36 -23.99
CA ASP B 93 11.06 -30.42 -22.66
C ASP B 93 11.08 -29.06 -21.90
N GLY B 94 10.67 -27.98 -22.58
CA GLY B 94 10.63 -26.64 -21.96
C GLY B 94 11.91 -25.83 -21.97
N THR B 95 13.02 -26.43 -22.43
CA THR B 95 14.32 -25.76 -22.47
C THR B 95 14.91 -25.65 -23.89
N HIS B 96 14.62 -26.65 -24.75
CA HIS B 96 15.11 -26.62 -26.16
C HIS B 96 13.91 -26.36 -27.07
N PHE B 97 14.03 -25.32 -27.93
CA PHE B 97 12.92 -24.89 -28.78
C PHE B 97 13.16 -24.92 -30.26
N GLN B 98 12.10 -25.28 -31.00
CA GLN B 98 12.09 -25.27 -32.45
C GLN B 98 11.32 -23.99 -32.84
N ARG B 99 12.02 -23.04 -33.46
CA ARG B 99 11.45 -21.76 -33.83
C ARG B 99 11.02 -21.70 -35.28
N GLU B 100 9.94 -20.96 -35.53
CA GLU B 100 9.45 -20.71 -36.87
CA GLU B 100 9.50 -20.73 -36.88
C GLU B 100 10.25 -19.49 -37.34
N LYS B 101 10.48 -19.40 -38.64
CA LYS B 101 11.29 -18.32 -39.21
C LYS B 101 10.52 -17.05 -39.57
N THR B 102 9.22 -17.05 -39.36
CA THR B 102 8.37 -15.88 -39.63
C THR B 102 7.44 -15.66 -38.46
N PRO B 103 6.96 -14.41 -38.26
CA PRO B 103 6.07 -14.13 -37.12
C PRO B 103 4.66 -14.66 -37.30
N VAL B 104 4.00 -15.00 -36.18
CA VAL B 104 2.60 -15.50 -36.22
C VAL B 104 1.59 -14.42 -35.95
N PHE B 105 2.04 -13.30 -35.38
CA PHE B 105 1.13 -12.21 -35.06
C PHE B 105 1.86 -10.91 -35.27
N TYR B 106 1.24 -10.01 -36.02
CA TYR B 106 1.87 -8.78 -36.40
C TYR B 106 0.85 -7.74 -36.87
N PRO B 107 1.27 -6.45 -36.89
CA PRO B 107 0.42 -5.42 -37.44
C PRO B 107 0.26 -5.69 -38.93
N ASP B 108 -0.95 -5.48 -39.45
CA ASP B 108 -1.26 -5.85 -40.83
C ASP B 108 -2.20 -4.82 -41.46
N ASN B 109 -2.48 -4.99 -42.73
CA ASN B 109 -3.42 -4.14 -43.44
C ASN B 109 -4.82 -4.50 -42.95
N ASP B 110 -5.09 -4.23 -41.66
CA ASP B 110 -6.37 -4.58 -41.02
C ASP B 110 -6.98 -3.43 -40.21
N SER B 111 -8.15 -3.69 -39.61
CA SER B 111 -8.90 -2.68 -38.86
C SER B 111 -8.18 -2.11 -37.61
N GLN B 112 -7.09 -2.74 -37.20
CA GLN B 112 -6.33 -2.30 -36.00
C GLN B 112 -5.06 -1.54 -36.36
N LYS B 113 -4.77 -1.41 -37.65
CA LYS B 113 -3.56 -0.72 -38.16
C LYS B 113 -3.18 0.57 -37.44
N GLU B 114 -4.12 1.51 -37.33
CA GLU B 114 -3.84 2.82 -36.70
C GLU B 114 -3.45 2.70 -35.21
N LEU B 115 -3.89 1.63 -34.56
CA LEU B 115 -3.59 1.41 -33.17
C LEU B 115 -2.30 0.61 -33.00
N GLU B 116 -1.91 -0.14 -34.03
CA GLU B 116 -0.74 -1.05 -33.96
C GLU B 116 0.50 -0.66 -34.75
N TRP B 117 0.43 0.44 -35.51
CA TRP B 117 1.54 0.85 -36.34
C TRP B 117 2.03 2.26 -35.96
N PRO B 118 3.37 2.48 -35.91
CA PRO B 118 4.49 1.56 -36.22
C PRO B 118 5.07 0.77 -35.05
N GLY B 119 4.43 0.81 -33.89
CA GLY B 119 4.96 0.11 -32.71
C GLY B 119 4.80 -1.41 -32.74
N GLY B 120 3.69 -1.88 -33.27
CA GLY B 120 3.43 -3.29 -33.37
C GLY B 120 2.61 -3.85 -32.21
N CYS B 121 2.78 -5.15 -31.99
CA CYS B 121 2.05 -5.89 -30.99
C CYS B 121 3.06 -6.38 -29.95
N GLU B 122 2.97 -5.83 -28.74
CA GLU B 122 3.95 -6.12 -27.67
C GLU B 122 3.46 -6.97 -26.52
N ASP B 123 4.43 -7.48 -25.79
CA ASP B 123 4.20 -8.15 -24.50
C ASP B 123 2.93 -9.00 -24.35
N PRO B 124 2.88 -10.13 -25.02
CA PRO B 124 1.71 -10.99 -24.94
C PRO B 124 1.66 -11.84 -23.68
N ARG B 125 0.45 -12.14 -23.25
CA ARG B 125 0.21 -13.04 -22.14
C ARG B 125 -0.92 -13.94 -22.63
N ILE B 126 -0.78 -15.25 -22.44
CA ILE B 126 -1.77 -16.19 -22.93
C ILE B 126 -2.32 -17.13 -21.86
N ALA B 127 -3.62 -17.29 -21.87
CA ALA B 127 -4.31 -18.22 -21.01
C ALA B 127 -5.31 -18.94 -21.92
N VAL B 128 -5.74 -20.12 -21.50
CA VAL B 128 -6.68 -20.93 -22.30
C VAL B 128 -7.90 -21.31 -21.49
N THR B 129 -9.04 -21.40 -22.17
CA THR B 129 -10.28 -21.77 -21.50
C THR B 129 -10.44 -23.29 -21.37
N ASP B 130 -11.43 -23.64 -20.56
CA ASP B 130 -11.88 -24.99 -20.29
C ASP B 130 -12.06 -25.82 -21.62
N ASP B 131 -12.54 -25.16 -22.69
CA ASP B 131 -12.79 -25.84 -23.99
C ASP B 131 -11.74 -25.54 -25.10
N GLY B 132 -10.56 -25.02 -24.72
CA GLY B 132 -9.47 -24.79 -25.70
C GLY B 132 -9.40 -23.47 -26.48
N LEU B 133 -10.05 -22.43 -25.98
CA LEU B 133 -9.96 -21.11 -26.61
C LEU B 133 -8.81 -20.36 -25.94
N TYR B 134 -7.78 -20.05 -26.73
CA TYR B 134 -6.63 -19.31 -26.22
C TYR B 134 -6.94 -17.85 -26.32
N VAL B 135 -6.67 -17.12 -25.23
CA VAL B 135 -6.92 -15.71 -25.17
C VAL B 135 -5.62 -15.01 -24.90
N MSE B 136 -5.27 -14.08 -25.78
CA MSE B 136 -4.05 -13.32 -25.66
C MSE B 136 -4.29 -11.85 -25.30
O MSE B 136 -5.05 -11.15 -25.99
CB MSE B 136 -3.27 -13.36 -26.97
CG MSE B 136 -2.17 -12.28 -27.05
SE MSE B 136 -1.34 -12.15 -28.75
CE MSE B 136 -0.33 -13.71 -28.56
N MSE B 137 -3.64 -11.38 -24.26
CA MSE B 137 -3.70 -10.00 -23.88
C MSE B 137 -2.37 -9.42 -24.31
O MSE B 137 -1.32 -9.92 -23.92
CB MSE B 137 -3.88 -9.88 -22.37
CG MSE B 137 -5.13 -10.58 -21.83
SE MSE B 137 -6.79 -9.87 -22.53
CE MSE B 137 -6.50 -8.04 -22.07
N TYR B 138 -2.42 -8.37 -25.13
CA TYR B 138 -1.19 -7.72 -25.63
C TYR B 138 -1.35 -6.22 -25.74
N THR B 139 -0.26 -5.54 -26.07
CA THR B 139 -0.25 -4.11 -26.17
C THR B 139 -0.14 -3.64 -27.61
N GLN B 140 -1.11 -2.82 -28.02
CA GLN B 140 -1.10 -2.19 -29.32
C GLN B 140 -0.36 -0.86 -29.15
N TRP B 141 0.70 -0.66 -29.93
CA TRP B 141 1.53 0.54 -29.82
C TRP B 141 1.67 1.21 -31.16
N ASN B 142 1.23 2.47 -31.22
CA ASN B 142 1.28 3.27 -32.42
C ASN B 142 2.10 4.55 -32.23
N ARG B 143 2.94 4.58 -31.19
CA ARG B 143 3.81 5.75 -30.83
C ARG B 143 3.02 6.93 -30.21
N HIS B 144 1.72 6.72 -29.94
CA HIS B 144 0.88 7.76 -29.32
C HIS B 144 0.31 7.26 -28.01
N VAL B 145 -0.42 6.15 -28.07
CA VAL B 145 -1.02 5.57 -26.89
C VAL B 145 -0.90 4.03 -26.89
N PRO B 146 -0.45 3.46 -25.76
CA PRO B 146 -0.39 2.00 -25.66
C PRO B 146 -1.73 1.48 -25.18
N ARG B 147 -2.32 0.56 -25.92
CA ARG B 147 -3.64 0.01 -25.56
C ARG B 147 -3.65 -1.50 -25.31
N LEU B 148 -4.19 -1.89 -24.16
CA LEU B 148 -4.32 -3.30 -23.84
C LEU B 148 -5.39 -3.85 -24.78
N ALA B 149 -5.05 -4.90 -25.53
CA ALA B 149 -5.95 -5.46 -26.53
C ALA B 149 -6.08 -6.98 -26.42
N VAL B 150 -7.10 -7.52 -27.09
CA VAL B 150 -7.41 -8.96 -27.01
C VAL B 150 -7.38 -9.64 -28.34
N ALA B 151 -6.84 -10.85 -28.37
CA ALA B 151 -6.81 -11.65 -29.57
C ALA B 151 -7.11 -13.09 -29.17
N THR B 152 -7.86 -13.80 -30.01
CA THR B 152 -8.21 -15.19 -29.69
C THR B 152 -7.85 -16.12 -30.81
N SER B 153 -7.62 -17.38 -30.44
CA SER B 153 -7.28 -18.42 -31.39
C SER B 153 -7.53 -19.78 -30.78
N ARG B 154 -7.63 -20.80 -31.64
CA ARG B 154 -7.75 -22.19 -31.18
C ARG B 154 -6.54 -23.06 -31.55
N ASN B 155 -5.66 -22.54 -32.41
CA ASN B 155 -4.44 -23.29 -32.82
C ASN B 155 -3.12 -22.50 -32.64
N LEU B 156 -3.20 -21.32 -32.04
CA LEU B 156 -2.01 -20.43 -31.77
C LEU B 156 -1.35 -19.82 -33.02
N LYS B 157 -1.92 -20.06 -34.20
CA LYS B 157 -1.40 -19.49 -35.46
C LYS B 157 -2.41 -18.59 -36.14
N ASP B 158 -3.68 -19.00 -36.14
CA ASP B 158 -4.74 -18.19 -36.72
C ASP B 158 -5.41 -17.38 -35.59
N TRP B 159 -5.04 -16.09 -35.51
CA TRP B 159 -5.54 -15.18 -34.46
C TRP B 159 -6.55 -14.18 -34.99
N THR B 160 -7.62 -13.96 -34.22
CA THR B 160 -8.64 -12.97 -34.52
C THR B 160 -8.41 -11.79 -33.57
N LYS B 161 -8.20 -10.60 -34.14
CA LYS B 161 -8.01 -9.37 -33.37
C LYS B 161 -9.37 -8.76 -33.04
N HIS B 162 -9.57 -8.46 -31.75
CA HIS B 162 -10.83 -7.89 -31.25
C HIS B 162 -10.66 -6.44 -30.79
N GLY B 163 -9.46 -5.89 -30.91
CA GLY B 163 -9.22 -4.51 -30.51
C GLY B 163 -9.03 -4.33 -29.00
N PRO B 164 -8.96 -3.06 -28.56
CA PRO B 164 -8.75 -2.72 -27.17
C PRO B 164 -9.71 -3.42 -26.22
N ALA B 165 -9.17 -3.91 -25.10
CA ALA B 165 -9.95 -4.62 -24.11
C ALA B 165 -11.02 -3.73 -23.48
N PHE B 166 -10.70 -2.45 -23.32
CA PHE B 166 -11.63 -1.52 -22.67
C PHE B 166 -12.32 -0.60 -23.70
N ALA B 167 -12.49 -1.07 -24.93
CA ALA B 167 -13.08 -0.23 -26.00
C ALA B 167 -14.55 0.15 -25.79
N LYS B 168 -15.37 -0.79 -25.34
CA LYS B 168 -16.82 -0.54 -25.19
C LYS B 168 -17.30 -0.15 -23.77
N ALA B 169 -16.58 -0.58 -22.74
CA ALA B 169 -16.97 -0.30 -21.33
C ALA B 169 -17.29 1.18 -21.08
N PHE B 170 -18.39 1.42 -20.34
CA PHE B 170 -18.85 2.78 -19.99
C PHE B 170 -18.92 3.72 -21.20
N ASP B 171 -19.60 3.27 -22.25
CA ASP B 171 -19.78 4.07 -23.48
C ASP B 171 -18.46 4.55 -24.12
N GLY B 172 -17.45 3.68 -24.09
CA GLY B 172 -16.14 3.96 -24.69
C GLY B 172 -15.26 4.95 -23.93
N LYS B 173 -15.59 5.24 -22.69
CA LYS B 173 -14.83 6.21 -21.86
C LYS B 173 -13.29 5.95 -21.80
N PHE B 174 -12.90 4.67 -21.72
CA PHE B 174 -11.48 4.30 -21.61
C PHE B 174 -10.81 3.85 -22.93
N PHE B 175 -11.44 4.12 -24.07
CA PHE B 175 -10.84 3.74 -25.37
C PHE B 175 -9.40 4.31 -25.56
N ASN B 176 -9.22 5.55 -25.12
CA ASN B 176 -7.91 6.24 -25.22
C ASN B 176 -7.02 6.11 -23.96
N LEU B 177 -7.39 5.19 -23.05
CA LEU B 177 -6.62 4.96 -21.84
C LEU B 177 -5.30 4.26 -22.18
N GLY B 178 -4.19 4.84 -21.72
CA GLY B 178 -2.89 4.24 -21.90
C GLY B 178 -2.80 3.07 -20.93
N CYS B 179 -2.76 1.85 -21.46
CA CYS B 179 -2.71 0.66 -20.62
C CYS B 179 -2.00 -0.52 -21.30
N LYS B 180 -1.65 -1.50 -20.47
CA LYS B 180 -0.94 -2.69 -20.90
C LYS B 180 -0.85 -3.74 -19.75
N SER B 181 -0.29 -4.92 -20.07
CA SER B 181 -0.05 -6.00 -19.09
C SER B 181 -1.30 -6.63 -18.44
N GLY B 182 -1.99 -7.49 -19.19
CA GLY B 182 -3.20 -8.15 -18.68
C GLY B 182 -2.96 -9.59 -18.20
N SER B 183 -3.16 -9.83 -16.89
CA SER B 183 -3.01 -11.18 -16.27
C SER B 183 -4.37 -11.77 -15.91
N ILE B 184 -4.91 -12.60 -16.81
CA ILE B 184 -6.21 -13.24 -16.59
C ILE B 184 -6.12 -14.27 -15.47
N LEU B 185 -7.20 -14.41 -14.70
CA LEU B 185 -7.22 -15.36 -13.59
C LEU B 185 -7.35 -16.79 -14.11
N THR B 186 -6.49 -17.67 -13.63
CA THR B 186 -6.50 -19.06 -14.02
C THR B 186 -6.47 -19.96 -12.79
N GLU B 187 -6.67 -21.26 -13.02
CA GLU B 187 -6.59 -22.28 -11.96
C GLU B 187 -6.14 -23.58 -12.60
N VAL B 188 -5.32 -24.35 -11.88
CA VAL B 188 -4.88 -25.66 -12.36
C VAL B 188 -5.95 -26.70 -11.96
N VAL B 189 -6.66 -27.22 -12.95
CA VAL B 189 -7.71 -28.21 -12.73
C VAL B 189 -7.28 -29.52 -13.32
N LYS B 190 -7.10 -30.52 -12.46
CA LYS B 190 -6.66 -31.85 -12.87
C LYS B 190 -5.41 -31.77 -13.77
N GLY B 191 -4.36 -31.17 -13.22
CA GLY B 191 -3.07 -31.01 -13.91
C GLY B 191 -3.02 -30.02 -15.08
N LYS B 192 -4.12 -29.30 -15.33
CA LYS B 192 -4.21 -28.39 -16.47
C LYS B 192 -4.64 -26.94 -16.09
N GLN B 193 -3.79 -25.96 -16.44
CA GLN B 193 -4.06 -24.54 -16.14
C GLN B 193 -5.09 -23.97 -17.10
N VAL B 194 -6.23 -23.54 -16.55
CA VAL B 194 -7.34 -23.02 -17.35
C VAL B 194 -7.92 -21.75 -16.74
N ILE B 195 -8.48 -20.91 -17.62
CA ILE B 195 -9.10 -19.66 -17.21
C ILE B 195 -10.23 -19.97 -16.20
N LYS B 196 -10.21 -19.28 -15.04
CA LYS B 196 -11.21 -19.51 -14.00
CA LYS B 196 -11.20 -19.48 -13.99
C LYS B 196 -12.12 -18.30 -13.81
N LYS B 197 -13.43 -18.58 -13.75
CA LYS B 197 -14.40 -17.55 -13.49
C LYS B 197 -14.46 -17.40 -11.98
N VAL B 198 -14.69 -16.18 -11.52
CA VAL B 198 -14.84 -15.92 -10.12
C VAL B 198 -16.01 -14.94 -9.97
N ASN B 199 -16.89 -15.22 -9.03
CA ASN B 199 -18.04 -14.39 -8.77
C ASN B 199 -18.96 -14.26 -10.05
N GLY B 200 -19.00 -15.33 -10.86
CA GLY B 200 -19.84 -15.37 -12.07
C GLY B 200 -19.26 -14.72 -13.33
N LYS B 201 -18.04 -14.18 -13.24
CA LYS B 201 -17.41 -13.48 -14.36
C LYS B 201 -15.94 -13.80 -14.49
N TYR B 202 -15.41 -13.57 -15.69
CA TYR B 202 -13.99 -13.72 -15.93
C TYR B 202 -13.30 -12.55 -15.22
N PHE B 203 -12.07 -12.78 -14.76
CA PHE B 203 -11.35 -11.76 -14.00
C PHE B 203 -9.93 -11.57 -14.51
N MSE B 204 -9.43 -10.35 -14.36
CA MSE B 204 -8.12 -9.99 -14.80
C MSE B 204 -7.51 -8.91 -13.93
O MSE B 204 -8.19 -7.99 -13.52
CB MSE B 204 -8.23 -9.47 -16.24
CG MSE B 204 -7.02 -8.84 -16.79
SE MSE B 204 -7.23 -8.32 -18.63
CE MSE B 204 -8.53 -6.92 -18.46
N TYR B 205 -6.20 -9.05 -13.64
CA TYR B 205 -5.42 -7.99 -12.99
C TYR B 205 -4.70 -7.36 -14.16
N TRP B 206 -4.47 -6.06 -14.10
CA TRP B 206 -3.79 -5.39 -15.19
C TRP B 206 -3.15 -4.10 -14.73
N GLY B 207 -2.21 -3.60 -15.53
CA GLY B 207 -1.53 -2.31 -15.27
C GLY B 207 -0.04 -2.37 -15.07
N GLU B 208 0.57 -1.19 -15.15
CA GLU B 208 2.00 -0.99 -15.02
C GLU B 208 2.35 -0.12 -13.77
N GLU B 209 1.76 1.08 -13.70
CA GLU B 209 2.02 2.05 -12.60
C GLU B 209 1.32 1.64 -11.30
N HIS B 210 0.27 0.84 -11.44
CA HIS B 210 -0.50 0.33 -10.30
C HIS B 210 -1.12 -0.96 -10.77
N VAL B 211 -1.48 -1.84 -9.83
CA VAL B 211 -2.20 -3.05 -10.17
C VAL B 211 -3.71 -2.73 -10.07
N PHE B 212 -4.41 -2.85 -11.21
CA PHE B 212 -5.85 -2.61 -11.30
C PHE B 212 -6.50 -3.93 -11.57
N ALA B 213 -7.81 -3.94 -11.73
CA ALA B 213 -8.57 -5.15 -12.03
C ALA B 213 -9.68 -4.87 -13.05
N ALA B 214 -10.20 -5.95 -13.65
CA ALA B 214 -11.26 -5.85 -14.64
C ALA B 214 -12.04 -7.17 -14.72
N THR B 215 -13.31 -7.07 -15.13
CA THR B 215 -14.18 -8.24 -15.28
C THR B 215 -14.71 -8.34 -16.71
N SER B 216 -15.15 -9.53 -17.07
CA SER B 216 -15.69 -9.77 -18.41
C SER B 216 -16.61 -11.00 -18.41
N ASP B 217 -17.67 -10.93 -19.22
CA ASP B 217 -18.61 -12.04 -19.39
C ASP B 217 -18.23 -12.90 -20.59
N ASP B 218 -17.40 -12.36 -21.50
CA ASP B 218 -17.05 -13.06 -22.74
C ASP B 218 -15.54 -13.16 -23.07
N LEU B 219 -14.67 -12.63 -22.19
CA LEU B 219 -13.20 -12.62 -22.39
C LEU B 219 -12.72 -11.63 -23.46
N ILE B 220 -13.65 -10.96 -24.14
CA ILE B 220 -13.31 -10.01 -25.20
C ILE B 220 -13.51 -8.58 -24.74
N HIS B 221 -14.70 -8.27 -24.22
CA HIS B 221 -15.02 -6.92 -23.75
C HIS B 221 -14.80 -6.87 -22.26
N TRP B 222 -13.89 -6.02 -21.82
CA TRP B 222 -13.52 -5.94 -20.41
C TRP B 222 -13.95 -4.64 -19.77
N THR B 223 -14.38 -4.75 -18.51
CA THR B 223 -14.85 -3.62 -17.73
C THR B 223 -13.95 -3.43 -16.52
N PRO B 224 -13.22 -2.30 -16.47
CA PRO B 224 -12.36 -2.04 -15.33
C PRO B 224 -13.16 -1.89 -14.04
N ILE B 225 -12.60 -2.33 -12.92
CA ILE B 225 -13.23 -2.16 -11.62
C ILE B 225 -12.94 -0.72 -11.19
N VAL B 226 -14.00 0.01 -10.80
CA VAL B 226 -13.89 1.43 -10.50
C VAL B 226 -14.43 1.83 -9.13
N ASN B 227 -13.99 3.02 -8.70
CA ASN B 227 -14.42 3.59 -7.43
C ASN B 227 -15.78 4.27 -7.59
N ILE B 228 -16.30 4.78 -6.48
CA ILE B 228 -17.57 5.47 -6.44
C ILE B 228 -17.63 6.59 -7.48
N ASP B 229 -16.57 7.40 -7.56
CA ASP B 229 -16.51 8.53 -8.50
C ASP B 229 -16.11 8.14 -9.93
N GLY B 230 -16.03 6.84 -10.22
CA GLY B 230 -15.69 6.36 -11.56
C GLY B 230 -14.20 6.18 -11.83
N SER B 231 -13.34 6.63 -10.92
CA SER B 231 -11.89 6.48 -11.09
C SER B 231 -11.51 5.00 -10.99
N LEU B 232 -10.42 4.63 -11.67
CA LEU B 232 -9.94 3.24 -11.64
C LEU B 232 -9.49 2.88 -10.23
N LYS B 233 -9.94 1.74 -9.73
CA LYS B 233 -9.61 1.29 -8.38
C LYS B 233 -8.21 0.64 -8.32
N LYS B 234 -7.33 1.21 -7.51
CA LYS B 234 -5.98 0.68 -7.33
C LYS B 234 -5.97 -0.40 -6.27
N LEU B 235 -5.59 -1.63 -6.64
CA LEU B 235 -5.50 -2.76 -5.67
C LEU B 235 -4.22 -2.58 -4.79
N PHE B 236 -3.09 -2.34 -5.44
CA PHE B 236 -1.85 -1.98 -4.73
C PHE B 236 -0.97 -1.17 -5.66
N SER B 237 0.04 -0.54 -5.10
CA SER B 237 0.87 0.36 -5.83
C SER B 237 2.32 0.22 -5.46
N PRO B 238 3.21 0.88 -6.24
CA PRO B 238 4.61 0.88 -5.89
C PRO B 238 4.84 1.50 -4.49
N ARG B 239 5.90 1.08 -3.83
CA ARG B 239 6.19 1.49 -2.45
C ARG B 239 7.63 1.92 -2.28
N ASP B 240 7.82 2.99 -1.49
CA ASP B 240 9.14 3.53 -1.22
C ASP B 240 10.07 2.54 -0.51
N GLY B 241 11.34 2.47 -0.98
CA GLY B 241 12.39 1.67 -0.34
C GLY B 241 12.46 0.20 -0.67
N TYR B 242 11.63 -0.25 -1.61
CA TYR B 242 11.62 -1.65 -2.04
C TYR B 242 11.94 -1.76 -3.54
N PHE B 243 12.14 -2.99 -4.00
CA PHE B 243 12.45 -3.23 -5.42
C PHE B 243 11.29 -2.79 -6.36
N ASP B 244 10.04 -2.94 -5.90
CA ASP B 244 8.88 -2.52 -6.71
C ASP B 244 8.46 -1.14 -6.25
N SER B 245 9.33 -0.16 -6.52
CA SER B 245 9.13 1.22 -6.07
C SER B 245 8.74 2.22 -7.14
N HIS B 246 8.99 1.92 -8.42
CA HIS B 246 8.59 2.81 -9.52
C HIS B 246 7.38 2.23 -10.26
N LEU B 247 7.38 0.91 -10.45
CA LEU B 247 6.29 0.21 -11.13
C LEU B 247 5.97 -1.13 -10.47
N THR B 248 4.70 -1.52 -10.55
CA THR B 248 4.20 -2.82 -10.10
C THR B 248 3.43 -3.37 -11.30
N GLU B 249 4.14 -4.03 -12.22
CA GLU B 249 3.55 -4.48 -13.47
C GLU B 249 3.22 -5.98 -13.50
N CYS B 250 1.98 -6.29 -13.87
CA CYS B 250 1.52 -7.65 -13.92
C CYS B 250 2.42 -8.51 -14.80
N GLY B 251 2.72 -9.73 -14.34
CA GLY B 251 3.54 -10.65 -15.09
C GLY B 251 2.65 -11.63 -15.79
N PRO B 252 2.86 -12.95 -15.57
CA PRO B 252 2.03 -13.95 -16.23
C PRO B 252 0.60 -13.98 -15.65
N PRO B 253 -0.28 -14.81 -16.24
CA PRO B 253 -1.64 -14.95 -15.73
C PRO B 253 -1.66 -15.33 -14.23
N ALA B 254 -2.62 -14.77 -13.51
CA ALA B 254 -2.75 -15.01 -12.07
C ALA B 254 -3.25 -16.45 -11.84
N ILE B 255 -2.86 -17.03 -10.71
CA ILE B 255 -3.22 -18.42 -10.40
C ILE B 255 -3.97 -18.55 -9.08
N TYR B 256 -5.19 -19.06 -9.18
CA TYR B 256 -6.03 -19.32 -8.03
C TYR B 256 -5.49 -20.59 -7.39
N THR B 257 -5.14 -20.51 -6.11
CA THR B 257 -4.58 -21.68 -5.39
C THR B 257 -5.36 -21.92 -4.10
N PRO B 258 -5.10 -23.07 -3.44
CA PRO B 258 -5.77 -23.34 -2.14
C PRO B 258 -5.49 -22.28 -1.05
N LYS B 259 -4.32 -21.63 -1.11
CA LYS B 259 -3.94 -20.61 -0.11
C LYS B 259 -4.29 -19.20 -0.54
N GLY B 260 -4.88 -19.05 -1.74
CA GLY B 260 -5.29 -17.73 -2.27
C GLY B 260 -4.90 -17.55 -3.73
N ILE B 261 -5.17 -16.35 -4.26
CA ILE B 261 -4.82 -16.02 -5.66
C ILE B 261 -3.45 -15.39 -5.67
N VAL B 262 -2.55 -15.91 -6.49
CA VAL B 262 -1.21 -15.39 -6.58
C VAL B 262 -1.03 -14.68 -7.91
N LEU B 263 -0.53 -13.45 -7.85
CA LEU B 263 -0.22 -12.67 -9.03
C LEU B 263 1.27 -12.47 -9.03
N LEU B 264 1.96 -13.12 -9.95
CA LEU B 264 3.41 -12.94 -10.06
C LEU B 264 3.57 -11.68 -10.91
N TYR B 265 4.37 -10.72 -10.44
CA TYR B 265 4.51 -9.44 -11.14
C TYR B 265 5.95 -8.93 -11.24
N ASN B 266 6.11 -7.85 -11.98
CA ASN B 266 7.39 -7.23 -12.23
C ASN B 266 7.54 -5.89 -11.53
N GLY B 267 8.55 -5.76 -10.69
CA GLY B 267 8.81 -4.50 -9.99
C GLY B 267 9.95 -3.72 -10.61
N LYS B 268 9.80 -2.39 -10.73
CA LYS B 268 10.87 -1.53 -11.24
C LYS B 268 11.39 -0.66 -10.10
N ASN B 269 12.69 -0.73 -9.86
CA ASN B 269 13.32 0.00 -8.75
C ASN B 269 13.46 1.49 -9.07
N HIS B 270 12.87 2.34 -8.25
CA HIS B 270 12.93 3.78 -8.46
C HIS B 270 14.34 4.30 -8.12
N SER B 271 14.90 5.15 -8.98
CA SER B 271 16.24 5.69 -8.75
C SER B 271 16.30 6.60 -7.50
N GLY B 272 15.23 7.37 -7.28
CA GLY B 272 15.15 8.29 -6.13
C GLY B 272 14.37 7.77 -4.91
N ARG B 273 13.40 6.89 -5.12
CA ARG B 273 12.53 6.39 -4.03
C ARG B 273 12.62 4.86 -3.83
N GLY B 274 13.66 4.24 -4.40
CA GLY B 274 13.81 2.78 -4.35
C GLY B 274 14.72 2.22 -3.28
N ASP B 275 15.05 0.93 -3.46
CA ASP B 275 15.91 0.18 -2.55
C ASP B 275 17.38 0.26 -3.04
N LYS B 276 18.23 0.93 -2.26
CA LYS B 276 19.68 1.11 -2.59
C LYS B 276 20.46 -0.21 -2.76
N ARG B 277 19.83 -1.30 -2.36
CA ARG B 277 20.41 -2.61 -2.39
C ARG B 277 20.33 -3.26 -3.78
N TYR B 278 19.42 -2.74 -4.61
CA TYR B 278 19.24 -3.24 -5.96
C TYR B 278 19.57 -2.14 -6.96
N THR B 279 19.90 -2.54 -8.19
CA THR B 279 20.25 -1.59 -9.24
C THR B 279 19.09 -0.68 -9.56
N ALA B 280 19.36 0.61 -9.72
CA ALA B 280 18.33 1.58 -10.03
C ALA B 280 17.68 1.27 -11.40
N ASN B 281 16.35 1.43 -11.48
CA ASN B 281 15.58 1.20 -12.72
C ASN B 281 15.53 -0.28 -13.22
N VAL B 282 16.05 -1.21 -12.42
CA VAL B 282 16.06 -2.62 -12.79
C VAL B 282 14.72 -3.26 -12.50
N TYR B 283 14.34 -4.23 -13.32
CA TYR B 283 13.12 -4.99 -13.09
C TYR B 283 13.49 -6.29 -12.39
N ALA B 284 12.84 -6.54 -11.28
CA ALA B 284 13.02 -7.76 -10.52
C ALA B 284 11.61 -8.30 -10.26
N ALA B 285 11.48 -9.62 -10.21
CA ALA B 285 10.15 -10.25 -10.08
C ALA B 285 9.63 -10.43 -8.64
N GLY B 286 8.37 -10.07 -8.42
CA GLY B 286 7.72 -10.21 -7.11
C GLY B 286 6.46 -11.05 -7.21
N GLN B 287 5.82 -11.26 -6.06
CA GLN B 287 4.55 -12.00 -6.00
C GLN B 287 3.62 -11.34 -4.98
N ALA B 288 2.35 -11.24 -5.34
CA ALA B 288 1.33 -10.67 -4.48
C ALA B 288 0.24 -11.69 -4.24
N LEU B 289 -0.26 -11.74 -3.01
CA LEU B 289 -1.33 -12.67 -2.65
C LEU B 289 -2.66 -11.92 -2.46
N PHE B 290 -3.73 -12.47 -3.05
CA PHE B 290 -5.09 -11.91 -2.95
C PHE B 290 -6.05 -12.95 -2.38
N ASP B 291 -7.21 -12.51 -1.93
CA ASP B 291 -8.21 -13.42 -1.34
C ASP B 291 -8.86 -14.28 -2.41
N ALA B 292 -9.08 -15.55 -2.11
CA ALA B 292 -9.72 -16.48 -3.05
C ALA B 292 -11.18 -16.08 -3.34
N ASN B 293 -11.89 -15.59 -2.32
CA ASN B 293 -13.31 -15.21 -2.45
C ASN B 293 -13.51 -13.82 -3.06
N ASP B 294 -12.56 -12.92 -2.81
CA ASP B 294 -12.60 -11.56 -3.37
C ASP B 294 -11.23 -11.24 -3.97
N PRO B 295 -11.07 -11.50 -5.29
CA PRO B 295 -9.78 -11.27 -5.95
C PRO B 295 -9.26 -9.82 -5.86
N THR B 296 -10.09 -8.85 -5.43
CA THR B 296 -9.63 -7.46 -5.28
C THR B 296 -9.09 -7.19 -3.87
N ARG B 297 -9.24 -8.16 -2.96
CA ARG B 297 -8.78 -8.00 -1.55
C ARG B 297 -7.31 -8.40 -1.40
N PHE B 298 -6.44 -7.40 -1.29
CA PHE B 298 -5.00 -7.59 -1.13
C PHE B 298 -4.64 -8.15 0.25
N ILE B 299 -3.80 -9.17 0.29
CA ILE B 299 -3.38 -9.77 1.56
C ILE B 299 -1.93 -9.40 1.86
N THR B 300 -1.01 -9.73 0.94
CA THR B 300 0.41 -9.44 1.13
C THR B 300 1.21 -9.55 -0.16
N ARG B 301 2.50 -9.23 -0.07
CA ARG B 301 3.44 -9.39 -1.20
C ARG B 301 4.83 -9.60 -0.66
N LEU B 302 5.67 -10.26 -1.44
CA LEU B 302 7.04 -10.53 -1.03
C LEU B 302 7.74 -9.21 -0.82
N ASP B 303 8.63 -9.15 0.17
CA ASP B 303 9.37 -7.90 0.49
C ASP B 303 10.69 -7.80 -0.27
N GLU B 304 11.10 -8.90 -0.89
CA GLU B 304 12.31 -8.97 -1.69
C GLU B 304 11.93 -9.71 -2.96
N PRO B 305 12.50 -9.34 -4.11
CA PRO B 305 12.16 -10.08 -5.31
C PRO B 305 12.60 -11.52 -5.18
N PHE B 306 11.80 -12.45 -5.72
CA PHE B 306 12.11 -13.88 -5.65
C PHE B 306 12.99 -14.31 -6.80
N PHE B 307 13.08 -13.47 -7.82
CA PHE B 307 13.85 -13.75 -9.02
C PHE B 307 14.34 -12.41 -9.55
N ARG B 308 15.65 -12.28 -9.68
CA ARG B 308 16.25 -11.05 -10.16
C ARG B 308 17.42 -11.38 -11.11
N PRO B 309 17.94 -10.36 -11.82
CA PRO B 309 19.06 -10.59 -12.72
C PRO B 309 20.30 -11.08 -12.02
N MSE B 310 20.75 -12.29 -12.37
CA MSE B 310 21.95 -12.90 -11.80
C MSE B 310 23.02 -13.04 -12.90
O MSE B 310 24.13 -12.55 -12.73
CB MSE B 310 21.64 -14.31 -11.22
CG MSE B 310 20.62 -14.34 -10.09
SE MSE B 310 21.19 -13.49 -8.44
CE MSE B 310 22.73 -14.60 -7.96
N ASP B 311 22.67 -13.69 -14.00
CA ASP B 311 23.61 -13.93 -15.12
C ASP B 311 23.82 -12.70 -16.02
N SER B 312 24.93 -12.74 -16.77
CA SER B 312 25.35 -11.66 -17.71
C SER B 312 24.21 -11.08 -18.61
N PHE B 313 23.59 -11.97 -19.40
CA PHE B 313 22.51 -11.58 -20.32
C PHE B 313 21.26 -10.94 -19.62
N GLU B 314 21.11 -11.17 -18.31
CA GLU B 314 19.97 -10.63 -17.56
C GLU B 314 20.21 -9.20 -16.97
N LYS B 315 21.37 -9.01 -16.31
CA LYS B 315 21.72 -7.72 -15.62
C LYS B 315 21.82 -6.50 -16.55
N SER B 316 22.13 -6.72 -17.84
CA SER B 316 22.23 -5.62 -18.83
C SER B 316 22.17 -6.09 -20.33
N GLY B 317 21.38 -5.35 -21.13
CA GLY B 317 21.19 -5.60 -22.60
C GLY B 317 20.58 -4.34 -23.25
N GLN B 318 19.51 -4.51 -24.06
CA GLN B 318 18.81 -3.33 -24.69
C GLN B 318 18.46 -2.32 -23.57
N TYR B 319 17.88 -2.85 -22.48
CA TYR B 319 17.54 -2.06 -21.32
C TYR B 319 18.72 -2.15 -20.33
N VAL B 320 19.57 -1.11 -20.34
CA VAL B 320 20.77 -1.05 -19.48
C VAL B 320 20.38 -0.82 -18.03
N THR B 323 17.62 -6.39 -16.56
CA THR B 323 16.31 -6.71 -16.01
C THR B 323 15.84 -8.18 -16.32
N VAL B 324 14.77 -8.62 -15.64
CA VAL B 324 14.12 -9.95 -15.86
C VAL B 324 12.60 -9.75 -15.79
N PHE B 325 11.94 -9.75 -16.94
CA PHE B 325 10.52 -9.46 -17.03
C PHE B 325 9.69 -10.73 -17.20
N ILE B 326 9.07 -11.20 -16.11
CA ILE B 326 8.28 -12.45 -16.13
C ILE B 326 6.93 -12.25 -16.83
N GLU B 327 6.54 -13.22 -17.66
CA GLU B 327 5.36 -13.05 -18.49
C GLU B 327 4.68 -14.35 -19.01
N GLY B 328 5.45 -15.44 -19.10
CA GLY B 328 4.93 -16.73 -19.56
C GLY B 328 5.16 -17.75 -18.48
N MSE B 329 4.25 -18.70 -18.35
CA MSE B 329 4.35 -19.68 -17.30
C MSE B 329 3.53 -20.92 -17.67
O MSE B 329 2.36 -20.81 -18.00
CB MSE B 329 3.84 -19.03 -16.00
CG MSE B 329 4.17 -19.71 -14.77
SE MSE B 329 3.72 -18.56 -13.20
CE MSE B 329 3.99 -19.89 -11.87
N VAL B 330 4.18 -22.09 -17.63
CA VAL B 330 3.48 -23.36 -17.99
C VAL B 330 3.74 -24.48 -16.97
N TYR B 331 2.66 -25.17 -16.58
CA TYR B 331 2.77 -26.31 -15.69
C TYR B 331 2.87 -27.48 -16.63
N PHE B 332 4.07 -28.05 -16.72
CA PHE B 332 4.37 -29.10 -17.68
C PHE B 332 5.16 -30.21 -17.03
N LYS B 333 4.64 -31.44 -17.17
CA LYS B 333 5.26 -32.63 -16.59
C LYS B 333 5.59 -32.42 -15.10
N ASN B 334 4.60 -31.90 -14.37
CA ASN B 334 4.66 -31.67 -12.91
C ASN B 334 5.62 -30.58 -12.40
N LYS B 335 6.03 -29.68 -13.29
CA LYS B 335 6.91 -28.58 -12.91
C LYS B 335 6.43 -27.28 -13.56
N TRP B 336 6.81 -26.16 -12.95
CA TRP B 336 6.44 -24.83 -13.45
C TRP B 336 7.59 -24.20 -14.20
N TYR B 337 7.40 -23.95 -15.48
CA TYR B 337 8.40 -23.34 -16.31
C TYR B 337 8.07 -21.86 -16.50
N LEU B 338 8.96 -20.99 -15.99
CA LEU B 338 8.77 -19.53 -16.05
C LEU B 338 9.60 -18.94 -17.17
N TYR B 339 8.92 -18.24 -18.11
CA TYR B 339 9.58 -17.60 -19.25
C TYR B 339 9.60 -16.07 -19.08
N TYR B 340 10.74 -15.47 -19.35
CA TYR B 340 10.91 -14.03 -19.14
C TYR B 340 11.90 -13.39 -20.07
N GLY B 341 11.72 -12.10 -20.29
CA GLY B 341 12.63 -11.33 -21.11
C GLY B 341 13.87 -10.96 -20.31
N CYS B 342 15.04 -11.08 -20.94
CA CYS B 342 16.31 -10.75 -20.31
C CYS B 342 16.85 -9.46 -20.89
N ALA B 343 16.93 -8.42 -20.05
CA ALA B 343 17.46 -7.11 -20.46
C ALA B 343 16.82 -6.60 -21.77
N ASP B 344 15.51 -6.80 -21.92
CA ASP B 344 14.78 -6.42 -23.18
C ASP B 344 15.44 -7.00 -24.47
N SER B 345 16.21 -8.09 -24.35
CA SER B 345 16.92 -8.64 -25.52
C SER B 345 16.78 -10.14 -25.77
N LYS B 346 16.67 -10.93 -24.72
CA LYS B 346 16.62 -12.40 -24.85
C LYS B 346 15.47 -12.99 -24.04
N VAL B 347 15.17 -14.26 -24.27
CA VAL B 347 14.14 -14.96 -23.50
C VAL B 347 14.83 -16.03 -22.67
N GLY B 348 14.51 -16.08 -21.39
CA GLY B 348 15.09 -17.06 -20.48
C GLY B 348 14.05 -17.92 -19.86
N VAL B 349 14.49 -19.05 -19.32
CA VAL B 349 13.62 -19.97 -18.61
C VAL B 349 14.22 -20.32 -17.25
N ALA B 350 13.34 -20.51 -16.26
CA ALA B 350 13.71 -20.92 -14.91
C ALA B 350 12.60 -21.87 -14.44
N VAL B 351 12.98 -22.94 -13.78
CA VAL B 351 12.02 -24.00 -13.42
C VAL B 351 11.83 -24.20 -11.94
N TYR B 352 10.56 -24.26 -11.53
CA TYR B 352 10.18 -24.50 -10.14
C TYR B 352 9.55 -25.89 -10.03
N ASP B 353 10.11 -26.71 -9.13
CA ASP B 353 9.63 -28.09 -8.89
C ASP B 353 8.98 -28.16 -7.50
N PRO B 354 7.62 -28.25 -7.44
CA PRO B 354 6.91 -28.30 -6.15
C PRO B 354 7.35 -29.41 -5.19
N LYS B 355 7.71 -30.57 -5.73
CA LYS B 355 8.15 -31.73 -4.90
C LYS B 355 9.59 -31.59 -4.39
N ARG B 356 10.30 -30.56 -4.84
CA ARG B 356 11.67 -30.36 -4.46
C ARG B 356 12.01 -28.87 -4.65
N PRO B 357 11.34 -27.98 -3.90
CA PRO B 357 11.56 -26.54 -4.08
C PRO B 357 13.00 -26.09 -3.85
N ALA B 358 13.52 -25.29 -4.77
CA ALA B 358 14.87 -24.74 -4.65
C ALA B 358 14.78 -23.43 -3.93
N LYS B 359 15.93 -22.92 -3.51
CA LYS B 359 15.99 -21.62 -2.86
C LYS B 359 15.71 -20.56 -3.92
N ALA B 360 15.09 -19.47 -3.53
CA ALA B 360 14.88 -18.35 -4.43
C ALA B 360 16.22 -17.65 -4.60
N ASP B 361 16.30 -16.68 -5.52
CA ASP B 361 17.56 -15.95 -5.70
C ASP B 361 17.96 -15.29 -4.38
N PRO B 362 19.25 -15.38 -4.02
CA PRO B 362 19.66 -14.77 -2.76
C PRO B 362 19.64 -13.25 -2.82
N LEU B 363 19.60 -12.61 -1.66
CA LEU B 363 19.61 -11.17 -1.57
C LEU B 363 21.04 -10.70 -1.93
N PRO B 364 21.17 -9.48 -2.50
CA PRO B 364 22.52 -9.00 -2.87
C PRO B 364 23.37 -8.68 -1.64
C1 PGE C . 2.63 1.72 0.61
O1 PGE C . 2.55 1.75 -0.84
C2 PGE C . 2.75 0.27 1.13
O2 PGE C . 1.65 -0.54 0.65
C3 PGE C . 1.08 -1.40 1.62
C4 PGE C . -0.02 -2.23 0.95
O4 PGE C . -2.44 0.26 -1.66
C6 PGE C . -2.98 -0.78 -0.82
C5 PGE C . -1.91 -1.81 -0.50
O3 PGE C . -1.12 -1.35 0.60
C1 PEG D . -5.53 -12.34 21.66
C2 PEG D . -4.25 -11.73 22.25
O2 PEG D . -3.95 -10.48 21.59
C3 PEG D . -2.77 -9.85 22.13
C4 PEG D . -2.62 -8.46 21.52
O4 PEG D . -1.80 -7.65 22.36
C1 PEG E . -10.50 -0.52 -33.48
O1 PEG E . -10.97 0.25 -34.61
C2 PEG E . -11.67 -1.25 -32.80
O2 PEG E . -11.56 -2.67 -33.05
C3 PEG E . -12.85 -3.34 -33.12
C4 PEG E . -12.67 -4.86 -33.24
O4 PEG E . -12.87 -5.31 -34.58
C1 PEG F . -16.94 4.89 -14.71
O1 PEG F . -15.72 5.58 -14.96
C2 PEG F . -18.13 5.83 -14.94
O2 PEG F . -18.10 6.35 -16.27
C3 PEG F . -19.14 7.31 -16.54
C4 PEG F . -18.69 8.72 -16.13
O4 PEG F . -18.32 9.49 -17.29
C1 PEG G . -7.01 9.83 -21.38
O1 PEG G . -6.68 11.01 -22.13
C2 PEG G . -8.51 9.60 -21.47
O2 PEG G . -8.86 8.36 -20.81
C3 PEG G . -8.86 8.43 -19.38
C4 PEG G . -10.22 8.02 -18.84
O4 PEG G . -10.85 9.13 -18.19
C1 PGE H . 21.10 -9.21 -44.02
O1 PGE H . 19.89 -8.47 -44.24
C2 PGE H . 20.81 -10.69 -43.90
O2 PGE H . 20.18 -11.11 -45.09
C3 PGE H . 19.81 -12.49 -45.06
C4 PGE H . 19.48 -12.94 -46.47
O4 PGE H . 15.55 -12.21 -48.56
C6 PGE H . 16.88 -11.68 -48.78
C5 PGE H . 17.95 -12.66 -48.28
O3 PGE H . 18.18 -12.47 -46.87
#